data_6X58
#
_entry.id   6X58
#
_cell.length_a   99.050
_cell.length_b   99.050
_cell.length_c   167.600
_cell.angle_alpha   90.000
_cell.angle_beta   90.000
_cell.angle_gamma   120.000
#
_symmetry.space_group_name_H-M   'P 32'
#
loop_
_entity.id
_entity.type
_entity.pdbx_description
1 polymer '10E8v4 Fab Heavy Chain'
2 polymer '10E8v4 Fab Light Chain'
3 polymer 'gp41 MPER peptide,Putative fluoride ion transporter CrcB'
#
loop_
_entity_poly.entity_id
_entity_poly.type
_entity_poly.pdbx_seq_one_letter_code
_entity_poly.pdbx_strand_id
1 'polypeptide(L)'
;EVRLVESGGGLVKPGGSLRLSCSASGFDFDNAWMTWVRQPPGKGLEWVGRITGPGEGWSVDYAESVKGRFTISRDNTKNT
LYLEMNNVRTEDTGYYFCARTGKYYDFWSGYPPGEEYFQDWGQGTLVIVSSASTKGPSVFPLAPSSKSTSGGTAALGCLV
KDYFPEPVTVSWNSGALTSGVHTFPAVLQSSGLYSLSSVVTVPSSSLGTQTYICNVNHKPSNTKVDKKVEPKS
;
C,A
2 'polypeptide(L)'
;SELTQDPAVSVALKQTVTITCRGDSLRSHYASWYQKKPGQAPVLLFYGKNNRPSGIPDRFSGSASGNRASLTITGAQAED
EADYYCSSRDKSGSRLSVFGGGTKLTVLSQPKAAPSVTLFPPSSEELQANKATLVCLISDFYPGAVTVAWKADSSPVKAG
VETTTPSKQSNNKYAASSYLSLTPEQWKSHRSYSCQVTHEGSTVEKTVAPT
;
D,B
3 'polypeptide(L)'
;LWNWFDITNWLWYIKSLFAVIIGGSVGCTLRWLLSTKFNSLFPNLPPGTLVVNLLAGLIIGTMLAYFLRQPHLDPFWKLM
ITTGLCGGLSTFSTFSVEVFALLQAGNYIWALTSVLVHVIGSLIMTALGFFIITILFA
;
E,F
#
# COMPACT_ATOMS: atom_id res chain seq x y z
N GLU A 1 -9.27 43.84 -14.15
CA GLU A 1 -9.13 42.59 -13.38
C GLU A 1 -10.49 42.11 -12.90
N VAL A 2 -10.51 41.45 -11.74
CA VAL A 2 -11.75 40.94 -11.17
C VAL A 2 -12.61 42.12 -10.70
N ARG A 3 -13.79 42.26 -11.30
CA ARG A 3 -14.73 43.33 -10.93
C ARG A 3 -16.13 42.76 -10.79
N LEU A 4 -16.81 43.12 -9.70
CA LEU A 4 -18.20 42.80 -9.47
C LEU A 4 -18.93 44.07 -9.08
N VAL A 5 -20.01 44.40 -9.79
CA VAL A 5 -20.77 45.61 -9.48
C VAL A 5 -22.24 45.22 -9.33
N GLU A 6 -22.82 45.56 -8.18
CA GLU A 6 -24.25 45.37 -7.95
C GLU A 6 -25.02 46.59 -8.43
N SER A 7 -26.32 46.38 -8.66
CA SER A 7 -27.16 47.39 -9.27
C SER A 7 -28.62 47.06 -9.01
N GLY A 8 -29.44 48.10 -8.91
CA GLY A 8 -30.88 47.94 -8.80
C GLY A 8 -31.45 47.99 -7.41
N GLY A 9 -30.74 48.52 -6.43
CA GLY A 9 -31.32 48.74 -5.13
C GLY A 9 -32.05 50.06 -5.05
N GLY A 10 -32.77 50.24 -3.96
CA GLY A 10 -33.47 51.48 -3.75
C GLY A 10 -34.66 51.26 -2.83
N LEU A 11 -35.66 52.11 -3.01
CA LEU A 11 -36.87 52.07 -2.19
C LEU A 11 -37.87 51.07 -2.75
N VAL A 12 -38.60 50.44 -1.83
CA VAL A 12 -39.66 49.50 -2.18
C VAL A 12 -40.52 49.24 -0.95
N LYS A 13 -41.83 49.40 -1.09
CA LYS A 13 -42.74 49.22 0.03
C LYS A 13 -42.92 47.75 0.35
N PRO A 14 -43.28 47.42 1.61
CA PRO A 14 -43.44 46.00 1.98
C PRO A 14 -44.40 45.27 1.06
N GLY A 15 -44.02 44.03 0.72
CA GLY A 15 -44.76 43.23 -0.24
C GLY A 15 -44.35 43.43 -1.68
N GLY A 16 -43.47 44.38 -1.98
CA GLY A 16 -43.10 44.67 -3.35
C GLY A 16 -42.17 43.65 -3.94
N SER A 17 -41.47 44.07 -5.00
CA SER A 17 -40.54 43.20 -5.71
C SER A 17 -39.42 44.04 -6.29
N LEU A 18 -38.26 43.41 -6.45
CA LEU A 18 -37.06 44.11 -6.90
C LEU A 18 -36.08 43.10 -7.47
N ARG A 19 -35.24 43.54 -8.39
CA ARG A 19 -34.23 42.69 -9.00
C ARG A 19 -32.86 43.34 -8.84
N LEU A 20 -32.00 42.70 -8.06
CA LEU A 20 -30.62 43.14 -7.91
C LEU A 20 -29.75 42.36 -8.89
N SER A 21 -28.80 43.07 -9.51
CA SER A 21 -27.99 42.53 -10.59
C SER A 21 -26.51 42.72 -10.26
N CYS A 22 -25.69 41.77 -10.68
CA CYS A 22 -24.26 41.76 -10.39
C CYS A 22 -23.54 41.54 -11.71
N SER A 23 -22.98 42.61 -12.27
CA SER A 23 -22.15 42.51 -13.45
C SER A 23 -20.75 42.07 -13.05
N ALA A 24 -20.27 41.00 -13.68
CA ALA A 24 -19.04 40.34 -13.28
C ALA A 24 -18.05 40.32 -14.44
N SER A 25 -16.78 40.46 -14.11
CA SER A 25 -15.74 40.54 -15.13
C SER A 25 -14.39 40.20 -14.49
N GLY A 26 -13.42 39.88 -15.34
CA GLY A 26 -12.06 39.63 -14.89
C GLY A 26 -11.77 38.24 -14.39
N PHE A 27 -12.66 37.27 -14.64
CA PHE A 27 -12.42 35.88 -14.29
C PHE A 27 -13.40 35.04 -15.09
N ASP A 28 -13.17 33.72 -15.08
CA ASP A 28 -14.10 32.79 -15.70
C ASP A 28 -15.45 32.83 -14.99
N PHE A 29 -16.36 33.68 -15.46
CA PHE A 29 -17.69 33.76 -14.85
C PHE A 29 -18.47 32.46 -15.02
N ASP A 30 -18.36 31.84 -16.20
CA ASP A 30 -19.25 30.75 -16.58
C ASP A 30 -19.16 29.54 -15.68
N ASN A 31 -18.16 29.47 -14.79
CA ASN A 31 -17.99 28.32 -13.90
C ASN A 31 -17.96 28.69 -12.42
N ALA A 32 -17.82 29.96 -12.07
CA ALA A 32 -17.62 30.34 -10.68
C ALA A 32 -18.91 30.22 -9.88
N TRP A 33 -18.81 29.64 -8.69
CA TRP A 33 -19.91 29.68 -7.74
C TRP A 33 -20.12 31.09 -7.24
N MET A 34 -21.38 31.50 -7.10
CA MET A 34 -21.72 32.87 -6.74
C MET A 34 -22.59 32.90 -5.50
N THR A 35 -22.40 33.91 -4.65
CA THR A 35 -23.11 34.02 -3.40
C THR A 35 -23.59 35.44 -3.17
N TRP A 36 -24.81 35.59 -2.67
CA TRP A 36 -25.29 36.87 -2.17
C TRP A 36 -25.09 36.93 -0.66
N VAL A 37 -24.74 38.13 -0.18
CA VAL A 37 -24.56 38.38 1.24
C VAL A 37 -25.02 39.81 1.52
N ARG A 38 -25.97 39.97 2.43
CA ARG A 38 -26.50 41.29 2.71
C ARG A 38 -26.14 41.72 4.13
N GLN A 39 -25.98 43.02 4.33
CA GLN A 39 -25.76 43.59 5.65
C GLN A 39 -26.88 44.57 5.95
N PRO A 40 -27.77 44.25 6.89
CA PRO A 40 -28.71 45.25 7.37
C PRO A 40 -27.98 46.44 7.96
N PRO A 41 -28.57 47.63 7.95
CA PRO A 41 -27.90 48.79 8.53
C PRO A 41 -27.67 48.60 10.02
N GLY A 42 -26.42 48.74 10.45
CA GLY A 42 -26.06 48.49 11.83
C GLY A 42 -26.29 47.05 12.23
N LYS A 43 -25.78 46.12 11.41
CA LYS A 43 -25.87 44.69 11.70
C LYS A 43 -24.65 44.02 11.07
N GLY A 44 -24.58 42.69 11.23
CA GLY A 44 -23.52 41.91 10.63
C GLY A 44 -23.89 41.40 9.26
N LEU A 45 -22.91 40.75 8.62
CA LEU A 45 -23.16 40.15 7.31
C LEU A 45 -24.02 38.90 7.46
N GLU A 46 -24.90 38.69 6.48
CA GLU A 46 -25.79 37.54 6.46
C GLU A 46 -25.73 36.92 5.08
N TRP A 47 -25.27 35.67 5.02
CA TRP A 47 -25.30 34.90 3.78
C TRP A 47 -26.74 34.70 3.32
N VAL A 48 -27.04 35.14 2.11
CA VAL A 48 -28.37 35.03 1.53
C VAL A 48 -28.52 33.70 0.82
N GLY A 49 -27.77 33.52 -0.25
CA GLY A 49 -27.87 32.29 -1.01
C GLY A 49 -26.68 32.13 -1.93
N ARG A 50 -26.58 30.94 -2.51
CA ARG A 50 -25.47 30.59 -3.38
C ARG A 50 -25.98 29.69 -4.50
N ILE A 51 -25.74 30.10 -5.74
CA ILE A 51 -25.97 29.22 -6.88
C ILE A 51 -24.67 28.52 -7.21
N THR A 52 -24.77 27.23 -7.53
CA THR A 52 -23.60 26.39 -7.79
C THR A 52 -22.95 26.72 -9.12
N GLY A 53 -22.26 25.74 -9.70
CA GLY A 53 -21.63 25.91 -10.99
C GLY A 53 -22.19 24.94 -12.01
N PRO A 54 -21.45 24.73 -13.10
CA PRO A 54 -21.95 23.81 -14.14
C PRO A 54 -21.94 22.37 -13.71
N GLY A 55 -20.94 21.92 -12.96
CA GLY A 55 -20.85 20.52 -12.59
C GLY A 55 -22.00 20.05 -11.71
N GLU A 56 -22.63 20.98 -11.00
CA GLU A 56 -23.65 20.65 -10.02
C GLU A 56 -25.07 20.88 -10.54
N GLY A 57 -25.23 21.22 -11.82
CA GLY A 57 -26.55 21.42 -12.39
C GLY A 57 -27.20 22.74 -12.04
N TRP A 58 -26.42 23.74 -11.62
CA TRP A 58 -26.93 25.07 -11.30
C TRP A 58 -27.93 25.01 -10.13
N SER A 59 -27.62 24.15 -9.16
CA SER A 59 -28.36 24.13 -7.91
C SER A 59 -28.16 25.44 -7.16
N VAL A 60 -29.17 25.82 -6.39
CA VAL A 60 -29.13 27.03 -5.57
C VAL A 60 -29.57 26.67 -4.16
N ASP A 61 -28.83 27.14 -3.17
CA ASP A 61 -29.21 27.00 -1.78
C ASP A 61 -29.46 28.36 -1.17
N TYR A 62 -30.50 28.46 -0.34
CA TYR A 62 -30.97 29.73 0.19
C TYR A 62 -30.90 29.74 1.71
N ALA A 63 -30.66 30.92 2.27
CA ALA A 63 -30.81 31.09 3.70
C ALA A 63 -32.28 30.90 4.08
N GLU A 64 -32.49 30.39 5.29
CA GLU A 64 -33.83 29.99 5.72
C GLU A 64 -34.80 31.17 5.70
N SER A 65 -34.37 32.32 6.24
CA SER A 65 -35.22 33.51 6.30
C SER A 65 -35.61 34.03 4.94
N VAL A 66 -35.04 33.48 3.86
CA VAL A 66 -35.18 34.03 2.53
C VAL A 66 -35.83 32.99 1.61
N LYS A 67 -35.66 31.71 1.95
CA LYS A 67 -36.15 30.62 1.13
C LYS A 67 -37.65 30.77 0.86
N GLY A 68 -38.03 30.62 -0.40
CA GLY A 68 -39.39 30.77 -0.83
C GLY A 68 -39.75 32.16 -1.35
N ARG A 69 -38.93 33.17 -1.03
CA ARG A 69 -39.20 34.54 -1.43
C ARG A 69 -38.17 35.10 -2.40
N PHE A 70 -36.93 34.63 -2.36
CA PHE A 70 -35.88 35.12 -3.24
C PHE A 70 -35.47 34.04 -4.22
N THR A 71 -35.04 34.46 -5.41
CA THR A 71 -34.64 33.53 -6.47
C THR A 71 -33.35 34.03 -7.10
N ILE A 72 -32.32 33.19 -7.05
CA ILE A 72 -31.02 33.49 -7.63
C ILE A 72 -30.93 32.86 -9.01
N SER A 73 -30.30 33.57 -9.95
CA SER A 73 -30.10 33.03 -11.29
C SER A 73 -28.89 33.70 -11.92
N ARG A 74 -28.59 33.33 -13.16
CA ARG A 74 -27.38 33.81 -13.79
C ARG A 74 -27.49 33.79 -15.30
N ASP A 75 -26.87 34.77 -15.95
CA ASP A 75 -26.67 34.81 -17.39
C ASP A 75 -25.16 34.74 -17.60
N ASN A 76 -24.68 33.54 -17.93
CA ASN A 76 -23.27 33.32 -18.23
C ASN A 76 -22.87 33.98 -19.53
N THR A 77 -23.83 34.34 -20.37
CA THR A 77 -23.55 35.07 -21.60
C THR A 77 -23.41 36.56 -21.31
N LYS A 78 -24.39 37.14 -20.62
CA LYS A 78 -24.30 38.52 -20.17
C LYS A 78 -23.36 38.68 -19.00
N ASN A 79 -22.86 37.58 -18.43
CA ASN A 79 -21.95 37.61 -17.28
C ASN A 79 -22.55 38.40 -16.12
N THR A 80 -23.79 38.06 -15.76
CA THR A 80 -24.42 38.72 -14.62
C THR A 80 -25.12 37.72 -13.73
N LEU A 81 -25.16 38.05 -12.44
CA LEU A 81 -25.87 37.30 -11.43
C LEU A 81 -27.12 38.07 -11.01
N TYR A 82 -28.21 37.35 -10.76
CA TYR A 82 -29.49 37.99 -10.45
C TYR A 82 -30.04 37.48 -9.12
N LEU A 83 -30.55 38.41 -8.32
CA LEU A 83 -31.33 38.13 -7.13
C LEU A 83 -32.70 38.78 -7.29
N GLU A 84 -33.74 37.96 -7.39
CA GLU A 84 -35.12 38.44 -7.48
C GLU A 84 -35.74 38.36 -6.10
N MET A 85 -36.07 39.52 -5.54
CA MET A 85 -36.70 39.64 -4.24
C MET A 85 -38.19 39.87 -4.44
N ASN A 86 -39.01 38.93 -3.98
CA ASN A 86 -40.46 39.00 -4.12
C ASN A 86 -41.11 38.91 -2.74
N ASN A 87 -42.28 39.55 -2.62
CA ASN A 87 -42.98 39.71 -1.34
C ASN A 87 -42.00 40.08 -0.25
N VAL A 88 -41.64 41.34 -0.18
CA VAL A 88 -40.50 41.77 0.63
C VAL A 88 -40.98 42.14 2.02
N ARG A 89 -40.19 41.76 3.02
CA ARG A 89 -40.38 42.18 4.39
C ARG A 89 -39.35 43.25 4.73
N THR A 90 -39.69 44.13 5.68
CA THR A 90 -38.77 45.19 6.06
C THR A 90 -37.44 44.67 6.56
N GLU A 91 -37.40 43.41 7.02
CA GLU A 91 -36.14 42.79 7.43
C GLU A 91 -35.08 42.91 6.34
N ASP A 92 -35.46 42.66 5.10
CA ASP A 92 -34.52 42.54 3.99
C ASP A 92 -33.82 43.85 3.63
N THR A 93 -34.08 44.93 4.37
CA THR A 93 -33.30 46.15 4.22
C THR A 93 -31.81 45.88 4.42
N GLY A 94 -30.97 46.68 3.77
CA GLY A 94 -29.54 46.58 3.92
C GLY A 94 -28.86 46.60 2.58
N TYR A 95 -27.53 46.62 2.64
CA TYR A 95 -26.70 46.54 1.45
C TYR A 95 -26.59 45.09 0.99
N TYR A 96 -26.40 44.89 -0.31
CA TYR A 96 -26.39 43.56 -0.91
C TYR A 96 -25.13 43.40 -1.76
N PHE A 97 -24.35 42.35 -1.46
CA PHE A 97 -23.06 42.09 -2.09
C PHE A 97 -23.10 40.75 -2.81
N CYS A 98 -22.73 40.74 -4.09
CA CYS A 98 -22.41 39.50 -4.76
C CYS A 98 -20.94 39.18 -4.53
N ALA A 99 -20.64 37.90 -4.35
CA ALA A 99 -19.29 37.47 -4.01
C ALA A 99 -18.96 36.20 -4.78
N ARG A 100 -17.79 36.22 -5.41
CA ARG A 100 -17.24 35.02 -6.02
C ARG A 100 -16.85 34.04 -4.93
N THR A 101 -17.33 32.82 -5.04
CA THR A 101 -17.32 31.86 -3.94
C THR A 101 -16.33 30.75 -4.27
N GLY A 102 -15.13 30.84 -3.69
CA GLY A 102 -14.19 29.74 -3.79
C GLY A 102 -14.66 28.56 -2.95
N LYS A 103 -14.29 27.37 -3.40
CA LYS A 103 -14.60 26.12 -2.72
C LYS A 103 -13.33 25.54 -2.12
N TYR A 104 -13.46 24.91 -0.95
CA TYR A 104 -12.30 24.39 -0.25
C TYR A 104 -12.62 23.06 0.41
N TYR A 105 -11.67 22.13 0.33
CA TYR A 105 -11.76 20.85 1.02
C TYR A 105 -10.35 20.29 1.15
N ASP A 106 -9.81 20.28 2.36
CA ASP A 106 -8.55 19.61 2.61
C ASP A 106 -8.81 18.12 2.72
N PHE A 107 -8.04 17.32 1.98
CA PHE A 107 -8.32 15.89 1.90
C PHE A 107 -8.22 15.22 3.27
N TRP A 108 -7.27 15.64 4.10
CA TRP A 108 -7.00 14.92 5.34
C TRP A 108 -8.02 15.25 6.41
N SER A 109 -8.25 16.52 6.68
CA SER A 109 -9.17 16.89 7.75
C SER A 109 -10.60 17.09 7.28
N GLY A 110 -10.87 16.95 5.98
CA GLY A 110 -12.12 17.42 5.42
C GLY A 110 -13.33 16.62 5.87
N TYR A 111 -14.49 17.14 5.51
CA TYR A 111 -15.82 16.57 5.76
C TYR A 111 -16.72 17.22 4.72
N PRO A 112 -17.38 16.45 3.86
CA PRO A 112 -18.26 17.05 2.86
C PRO A 112 -19.34 17.89 3.51
N PRO A 113 -19.79 18.95 2.83
CA PRO A 113 -19.30 19.32 1.50
C PRO A 113 -18.25 20.42 1.57
N GLY A 114 -17.11 20.13 2.19
CA GLY A 114 -16.08 21.13 2.34
C GLY A 114 -16.60 22.37 3.02
N GLU A 115 -16.12 23.53 2.57
CA GLU A 115 -16.58 24.80 3.09
C GLU A 115 -16.24 25.89 2.09
N GLU A 116 -17.23 26.69 1.73
CA GLU A 116 -17.08 27.74 0.73
C GLU A 116 -16.57 29.02 1.40
N TYR A 117 -15.82 29.80 0.63
CA TYR A 117 -15.30 31.08 1.07
C TYR A 117 -15.60 32.13 0.02
N PHE A 118 -15.32 33.38 0.35
CA PHE A 118 -15.76 34.52 -0.47
C PHE A 118 -14.57 35.43 -0.74
N GLN A 119 -13.90 35.17 -1.85
CA GLN A 119 -12.65 35.86 -2.18
C GLN A 119 -12.92 37.29 -2.66
N ASP A 120 -13.82 37.45 -3.63
CA ASP A 120 -14.03 38.72 -4.31
C ASP A 120 -15.45 39.21 -4.06
N TRP A 121 -15.58 40.47 -3.71
CA TRP A 121 -16.86 41.07 -3.37
C TRP A 121 -17.15 42.27 -4.26
N GLY A 122 -18.43 42.58 -4.41
CA GLY A 122 -18.84 43.85 -4.96
C GLY A 122 -18.83 44.93 -3.90
N GLN A 123 -19.26 46.13 -4.29
CA GLN A 123 -19.35 47.24 -3.36
C GLN A 123 -20.65 47.28 -2.59
N GLY A 124 -21.65 46.53 -3.00
CA GLY A 124 -22.96 46.54 -2.38
C GLY A 124 -23.98 47.26 -3.25
N THR A 125 -25.22 47.22 -2.78
CA THR A 125 -26.30 48.02 -3.37
C THR A 125 -27.42 48.09 -2.34
N LEU A 126 -27.88 49.30 -2.05
CA LEU A 126 -28.75 49.54 -0.91
C LEU A 126 -30.21 49.31 -1.29
N VAL A 127 -30.85 48.39 -0.59
CA VAL A 127 -32.29 48.15 -0.70
C VAL A 127 -32.92 48.60 0.60
N ILE A 128 -33.82 49.57 0.51
CA ILE A 128 -34.59 50.04 1.66
C ILE A 128 -36.03 49.57 1.47
N VAL A 129 -36.63 49.11 2.56
CA VAL A 129 -37.96 48.51 2.54
C VAL A 129 -38.75 49.07 3.72
N SER A 130 -39.56 50.08 3.45
CA SER A 130 -40.41 50.67 4.47
C SER A 130 -41.66 51.23 3.80
N SER A 131 -42.75 51.29 4.56
CA SER A 131 -43.99 51.84 4.03
C SER A 131 -43.93 53.36 3.92
N ALA A 132 -43.01 53.99 4.64
CA ALA A 132 -42.95 55.45 4.69
C ALA A 132 -42.78 56.05 3.29
N SER A 133 -43.65 57.01 2.98
CA SER A 133 -43.53 57.80 1.77
C SER A 133 -42.56 58.94 2.01
N THR A 134 -42.29 59.72 0.96
CA THR A 134 -41.43 60.88 1.09
C THR A 134 -42.02 61.87 2.10
N LYS A 135 -41.14 62.68 2.69
CA LYS A 135 -41.57 63.71 3.65
C LYS A 135 -40.43 64.66 4.02
N GLY A 136 -40.69 65.97 3.95
CA GLY A 136 -39.74 66.96 4.37
C GLY A 136 -39.59 66.98 5.88
N PRO A 137 -38.57 67.68 6.37
CA PRO A 137 -38.28 67.65 7.80
C PRO A 137 -38.77 68.88 8.55
N SER A 138 -39.26 68.68 9.77
CA SER A 138 -39.51 69.81 10.67
C SER A 138 -38.19 70.19 11.33
N VAL A 139 -37.86 71.48 11.31
CA VAL A 139 -36.57 71.95 11.80
C VAL A 139 -36.81 72.78 13.04
N PHE A 140 -36.41 72.24 14.19
CA PHE A 140 -36.59 72.97 15.44
C PHE A 140 -35.24 73.40 16.01
N PRO A 141 -35.19 74.48 16.80
CA PRO A 141 -33.89 75.01 17.22
C PRO A 141 -33.44 74.50 18.59
N LEU A 142 -32.15 74.17 18.71
CA LEU A 142 -31.54 73.76 19.97
C LEU A 142 -30.85 74.99 20.53
N ALA A 143 -31.57 75.70 21.40
CA ALA A 143 -31.19 77.05 21.80
C ALA A 143 -30.23 77.01 22.98
N PRO A 144 -29.11 77.74 22.93
CA PRO A 144 -28.14 77.67 24.02
C PRO A 144 -28.68 78.24 25.32
N SER A 145 -28.13 77.76 26.43
CA SER A 145 -28.48 78.22 27.76
C SER A 145 -27.22 78.10 28.63
N SER A 146 -27.41 78.27 29.95
CA SER A 146 -26.31 78.04 30.88
C SER A 146 -25.94 76.57 30.98
N LYS A 147 -26.83 75.66 30.57
CA LYS A 147 -26.51 74.24 30.48
C LYS A 147 -25.71 73.91 29.24
N SER A 148 -25.60 74.84 28.28
CA SER A 148 -24.85 74.65 27.05
C SER A 148 -23.59 75.48 26.98
N THR A 149 -23.41 76.45 27.87
CA THR A 149 -22.20 77.27 27.88
C THR A 149 -21.09 76.55 28.63
N SER A 150 -19.89 76.58 28.06
CA SER A 150 -18.71 75.95 28.65
C SER A 150 -17.69 77.01 29.03
N GLY A 151 -18.05 77.92 29.93
CA GLY A 151 -17.16 79.01 30.29
C GLY A 151 -16.86 79.92 29.11
N GLY A 152 -15.99 79.47 28.22
CA GLY A 152 -15.58 80.28 27.09
C GLY A 152 -16.21 79.88 25.77
N THR A 153 -16.80 78.68 25.72
CA THR A 153 -17.45 78.19 24.51
C THR A 153 -18.83 77.66 24.85
N ALA A 154 -19.74 77.75 23.88
CA ALA A 154 -21.12 77.30 24.03
C ALA A 154 -21.54 76.59 22.76
N ALA A 155 -22.47 75.66 22.88
CA ALA A 155 -22.87 74.79 21.78
C ALA A 155 -24.36 74.97 21.49
N LEU A 156 -24.69 75.33 20.26
CA LEU A 156 -26.08 75.48 19.86
C LEU A 156 -26.33 74.75 18.55
N GLY A 157 -27.58 74.33 18.32
CA GLY A 157 -27.79 73.48 17.16
C GLY A 157 -29.14 73.50 16.50
N CYS A 158 -29.34 72.54 15.61
CA CYS A 158 -30.59 72.38 14.87
C CYS A 158 -31.02 70.92 14.89
N LEU A 159 -32.26 70.67 15.31
CA LEU A 159 -32.87 69.35 15.28
C LEU A 159 -33.64 69.22 13.98
N VAL A 160 -33.17 68.36 13.09
CA VAL A 160 -33.82 68.08 11.81
C VAL A 160 -34.62 66.80 12.03
N LYS A 161 -35.92 66.94 12.29
CA LYS A 161 -36.73 65.87 12.83
C LYS A 161 -37.78 65.40 11.82
N ASP A 162 -38.05 64.09 11.83
CA ASP A 162 -39.09 63.44 11.05
C ASP A 162 -39.00 63.76 9.56
N TYR A 163 -38.14 63.04 8.85
CA TYR A 163 -38.02 63.17 7.42
C TYR A 163 -37.75 61.80 6.81
N PHE A 164 -37.89 61.73 5.49
CA PHE A 164 -37.74 60.48 4.75
C PHE A 164 -37.68 60.79 3.26
N PRO A 165 -36.81 60.11 2.50
CA PRO A 165 -35.78 59.22 3.03
C PRO A 165 -34.46 59.96 3.22
N GLU A 166 -33.43 59.26 3.69
CA GLU A 166 -32.09 59.82 3.81
C GLU A 166 -31.63 60.39 2.47
N PRO A 167 -30.78 61.42 2.46
CA PRO A 167 -30.20 62.15 3.60
C PRO A 167 -30.62 63.61 3.68
N VAL A 168 -30.41 64.25 4.82
CA VAL A 168 -30.42 65.71 4.89
C VAL A 168 -28.99 66.19 5.01
N THR A 169 -28.77 67.43 4.60
CA THR A 169 -27.46 68.08 4.68
C THR A 169 -27.63 69.42 5.37
N VAL A 170 -27.17 69.50 6.60
CA VAL A 170 -27.15 70.75 7.34
C VAL A 170 -25.81 71.44 7.09
N SER A 171 -25.86 72.77 7.03
CA SER A 171 -24.65 73.59 7.10
C SER A 171 -24.94 74.69 8.11
N TRP A 172 -24.07 75.70 8.17
CA TRP A 172 -24.30 76.79 9.11
C TRP A 172 -23.87 78.11 8.49
N ASN A 173 -24.67 79.14 8.74
CA ASN A 173 -24.51 80.46 8.14
C ASN A 173 -24.17 80.38 6.65
N SER A 174 -24.91 79.52 5.94
CA SER A 174 -24.73 79.29 4.51
C SER A 174 -23.31 78.85 4.17
N GLY A 175 -22.76 77.97 5.00
CA GLY A 175 -21.41 77.48 4.79
C GLY A 175 -20.32 78.41 5.26
N ALA A 176 -20.65 79.49 5.98
CA ALA A 176 -19.60 80.33 6.56
C ALA A 176 -18.90 79.61 7.70
N LEU A 177 -19.68 78.99 8.60
CA LEU A 177 -19.11 78.24 9.70
C LEU A 177 -18.67 76.87 9.23
N THR A 178 -17.37 76.59 9.35
CA THR A 178 -16.85 75.23 9.29
C THR A 178 -16.44 74.75 10.68
N SER A 179 -15.52 75.47 11.32
CA SER A 179 -15.08 75.11 12.66
C SER A 179 -16.22 75.25 13.65
N GLY A 180 -16.31 74.31 14.59
CA GLY A 180 -17.39 74.22 15.54
C GLY A 180 -18.50 73.27 15.12
N VAL A 181 -18.66 73.04 13.83
CA VAL A 181 -19.82 72.31 13.32
C VAL A 181 -19.55 70.81 13.39
N HIS A 182 -20.53 70.07 13.90
CA HIS A 182 -20.59 68.63 13.79
C HIS A 182 -22.06 68.30 13.55
N THR A 183 -22.37 67.85 12.35
CA THR A 183 -23.70 67.37 12.03
C THR A 183 -23.68 65.85 12.14
N PHE A 184 -24.67 65.31 12.82
CA PHE A 184 -24.58 63.93 13.22
C PHE A 184 -25.07 62.98 12.15
N PRO A 185 -24.72 61.70 12.26
CA PRO A 185 -25.47 60.68 11.52
C PRO A 185 -26.89 60.64 12.05
N ALA A 186 -27.84 60.57 11.14
CA ALA A 186 -29.23 60.61 11.55
C ALA A 186 -29.62 59.30 12.22
N VAL A 187 -30.46 59.41 13.22
CA VAL A 187 -31.13 58.24 13.78
C VAL A 187 -32.45 58.07 13.03
N LEU A 188 -33.02 56.88 13.14
CA LEU A 188 -34.29 56.55 12.51
C LEU A 188 -35.29 56.12 13.58
N GLN A 189 -36.47 56.71 13.54
CA GLN A 189 -37.50 56.47 14.53
C GLN A 189 -38.48 55.40 14.02
N SER A 190 -39.25 54.84 14.97
CA SER A 190 -40.23 53.82 14.61
C SER A 190 -41.37 54.37 13.77
N SER A 191 -41.46 55.69 13.58
CA SER A 191 -42.33 56.26 12.57
C SER A 191 -41.84 55.98 11.16
N GLY A 192 -40.75 55.26 11.00
CA GLY A 192 -40.10 55.12 9.71
C GLY A 192 -39.47 56.39 9.18
N LEU A 193 -39.29 57.40 10.04
CA LEU A 193 -38.74 58.68 9.64
C LEU A 193 -37.43 58.94 10.39
N TYR A 194 -36.50 59.61 9.73
CA TYR A 194 -35.20 59.90 10.32
C TYR A 194 -35.25 61.22 11.10
N SER A 195 -34.17 61.49 11.82
CA SER A 195 -34.00 62.76 12.52
C SER A 195 -32.54 62.86 12.92
N LEU A 196 -31.84 63.86 12.39
CA LEU A 196 -30.48 64.11 12.86
C LEU A 196 -30.42 65.42 13.62
N SER A 197 -29.24 65.69 14.17
CA SER A 197 -28.95 66.97 14.75
C SER A 197 -27.68 67.53 14.11
N SER A 198 -27.55 68.84 14.19
CA SER A 198 -26.29 69.51 13.87
C SER A 198 -26.00 70.46 15.02
N VAL A 199 -24.73 70.57 15.41
CA VAL A 199 -24.36 71.47 16.50
C VAL A 199 -23.08 72.20 16.17
N VAL A 200 -23.06 73.50 16.42
CA VAL A 200 -21.85 74.30 16.28
C VAL A 200 -21.47 74.83 17.66
N THR A 201 -20.16 74.80 17.93
CA THR A 201 -19.58 75.32 19.17
C THR A 201 -18.85 76.62 18.85
N VAL A 202 -19.12 77.64 19.65
CA VAL A 202 -18.74 79.03 19.32
C VAL A 202 -18.50 79.81 20.61
N PRO A 203 -18.01 81.05 20.55
CA PRO A 203 -17.85 81.84 21.79
C PRO A 203 -19.12 81.92 22.63
N SER A 204 -18.96 81.72 23.96
CA SER A 204 -20.03 81.97 24.91
C SER A 204 -20.37 83.45 25.04
N SER A 205 -19.49 84.35 24.56
CA SER A 205 -19.78 85.79 24.52
C SER A 205 -20.62 86.18 23.32
N SER A 206 -20.40 85.53 22.18
CA SER A 206 -21.11 85.77 20.92
C SER A 206 -22.63 85.57 21.01
N LEU A 207 -23.14 85.03 22.12
CA LEU A 207 -24.59 84.85 22.29
C LEU A 207 -25.27 86.18 22.62
N GLY A 208 -26.47 86.38 22.10
CA GLY A 208 -27.26 87.57 22.37
C GLY A 208 -27.32 88.58 21.24
N THR A 209 -26.44 88.47 20.24
CA THR A 209 -26.43 89.43 19.15
C THR A 209 -26.00 88.79 17.83
N GLN A 210 -24.98 87.95 17.87
CA GLN A 210 -24.41 87.41 16.65
C GLN A 210 -25.35 86.41 15.99
N THR A 211 -25.27 86.37 14.66
CA THR A 211 -26.24 85.68 13.83
C THR A 211 -25.77 84.26 13.52
N TYR A 212 -26.48 83.28 14.06
CA TYR A 212 -26.21 81.87 13.79
C TYR A 212 -27.39 81.27 13.05
N ILE A 213 -27.13 80.75 11.85
CA ILE A 213 -28.16 80.21 10.96
C ILE A 213 -27.71 78.84 10.49
N CYS A 214 -28.60 77.87 10.54
CA CYS A 214 -28.37 76.55 9.96
C CYS A 214 -29.24 76.40 8.71
N ASN A 215 -28.66 75.76 7.69
CA ASN A 215 -29.27 75.65 6.36
C ASN A 215 -29.49 74.17 6.07
N VAL A 216 -30.63 73.65 6.53
CA VAL A 216 -31.00 72.28 6.22
C VAL A 216 -31.33 72.16 4.74
N ASN A 217 -31.23 70.94 4.22
CA ASN A 217 -31.44 70.68 2.81
C ASN A 217 -31.80 69.21 2.64
N HIS A 218 -32.93 68.95 1.97
CA HIS A 218 -33.47 67.58 1.83
C HIS A 218 -33.96 67.42 0.38
N LYS A 219 -33.03 67.10 -0.51
CA LYS A 219 -33.36 66.88 -1.92
C LYS A 219 -34.48 65.87 -2.15
N PRO A 220 -34.53 64.70 -1.47
CA PRO A 220 -35.60 63.73 -1.77
C PRO A 220 -37.02 64.29 -1.72
N SER A 221 -37.26 65.35 -0.94
CA SER A 221 -38.54 66.04 -0.97
C SER A 221 -38.39 67.51 -1.39
N ASN A 222 -37.20 67.91 -1.83
CA ASN A 222 -36.95 69.25 -2.37
C ASN A 222 -37.28 70.36 -1.38
N THR A 223 -37.09 70.09 -0.09
CA THR A 223 -37.25 71.10 0.95
C THR A 223 -35.91 71.82 1.19
N LYS A 224 -36.00 73.02 1.74
CA LYS A 224 -34.81 73.83 2.08
C LYS A 224 -35.22 74.79 3.19
N VAL A 225 -35.04 74.34 4.43
CA VAL A 225 -35.36 75.14 5.60
C VAL A 225 -34.10 75.84 6.10
N ASP A 226 -34.17 77.15 6.25
CA ASP A 226 -33.10 77.95 6.83
C ASP A 226 -33.62 78.54 8.13
N LYS A 227 -32.82 78.47 9.20
CA LYS A 227 -33.33 78.85 10.51
C LYS A 227 -32.26 79.53 11.35
N LYS A 228 -32.66 80.57 12.07
CA LYS A 228 -31.78 81.25 13.02
C LYS A 228 -31.96 80.68 14.42
N VAL A 229 -30.85 80.60 15.17
CA VAL A 229 -30.86 80.16 16.55
C VAL A 229 -30.42 81.32 17.43
N GLU A 230 -31.22 81.62 18.45
CA GLU A 230 -30.93 82.70 19.38
C GLU A 230 -31.35 82.29 20.79
N PRO A 231 -30.67 82.80 21.82
CA PRO A 231 -30.95 82.35 23.19
C PRO A 231 -32.41 82.52 23.58
N LYS A 232 -32.86 81.65 24.49
CA LYS A 232 -34.26 81.55 24.87
C LYS A 232 -34.64 82.55 25.97
N SER A 233 -35.65 82.19 26.77
CA SER A 233 -36.12 83.03 27.85
C SER A 233 -36.88 82.22 28.90
N SER B 1 -26.62 32.41 13.70
CA SER B 1 -26.01 32.58 15.01
C SER B 1 -25.47 31.26 15.54
N GLU B 2 -25.38 30.27 14.65
CA GLU B 2 -24.67 29.04 15.01
C GLU B 2 -23.18 29.33 15.18
N LEU B 3 -22.65 30.31 14.46
CA LEU B 3 -21.31 30.82 14.72
C LEU B 3 -21.40 31.98 15.69
N THR B 4 -20.58 31.94 16.73
CA THR B 4 -20.64 32.91 17.82
C THR B 4 -19.29 33.59 17.98
N GLN B 5 -19.31 34.92 17.99
CA GLN B 5 -18.12 35.72 18.29
C GLN B 5 -18.41 36.59 19.50
N ASP B 6 -17.34 37.07 20.12
CA ASP B 6 -17.47 38.14 21.08
C ASP B 6 -17.69 39.45 20.32
N PRO B 7 -18.68 40.26 20.69
CA PRO B 7 -19.07 41.38 19.81
C PRO B 7 -17.99 42.41 19.59
N ALA B 8 -17.26 42.79 20.64
CA ALA B 8 -16.20 43.78 20.51
C ALA B 8 -14.98 43.35 21.32
N VAL B 9 -13.82 43.78 20.86
CA VAL B 9 -12.54 43.50 21.52
C VAL B 9 -11.53 44.48 20.95
N SER B 10 -10.67 44.99 21.81
CA SER B 10 -9.68 45.98 21.41
C SER B 10 -8.27 45.43 21.61
N VAL B 11 -7.29 46.25 21.24
CA VAL B 11 -5.87 45.93 21.42
C VAL B 11 -5.07 47.21 21.22
N ALA B 12 -4.00 47.37 21.99
CA ALA B 12 -3.13 48.52 21.80
C ALA B 12 -2.34 48.36 20.51
N LEU B 13 -1.75 49.47 20.06
CA LEU B 13 -1.05 49.47 18.78
C LEU B 13 0.24 48.66 18.88
N LYS B 14 0.59 48.00 17.78
CA LYS B 14 1.75 47.11 17.65
C LYS B 14 1.66 45.89 18.53
N GLN B 15 0.50 45.63 19.14
CA GLN B 15 0.31 44.46 19.99
C GLN B 15 -0.24 43.31 19.15
N THR B 16 -0.77 42.29 19.81
CA THR B 16 -1.32 41.13 19.10
C THR B 16 -2.64 40.74 19.74
N VAL B 17 -3.66 40.53 18.92
CA VAL B 17 -4.98 40.19 19.40
C VAL B 17 -5.52 39.02 18.59
N THR B 18 -6.48 38.31 19.18
CA THR B 18 -7.08 37.16 18.53
C THR B 18 -8.58 37.19 18.72
N ILE B 19 -9.30 37.10 17.61
CA ILE B 19 -10.76 37.03 17.60
C ILE B 19 -11.16 35.56 17.49
N THR B 20 -12.12 35.14 18.33
CA THR B 20 -12.47 33.73 18.44
C THR B 20 -13.94 33.52 18.10
N CYS B 21 -14.19 32.65 17.14
CA CYS B 21 -15.50 32.19 16.70
C CYS B 21 -15.75 30.78 17.24
N ARG B 22 -17.02 30.48 17.55
CA ARG B 22 -17.36 29.21 18.16
C ARG B 22 -18.68 28.68 17.60
N GLY B 23 -18.77 27.35 17.52
CA GLY B 23 -19.98 26.71 17.03
C GLY B 23 -19.72 25.26 16.67
N ASP B 24 -20.83 24.50 16.64
CA ASP B 24 -20.75 23.06 16.37
C ASP B 24 -20.10 22.79 15.01
N SER B 25 -20.60 23.45 13.96
CA SER B 25 -20.06 23.24 12.63
C SER B 25 -18.55 23.41 12.57
N LEU B 26 -17.99 24.32 13.39
CA LEU B 26 -16.57 24.57 13.37
C LEU B 26 -15.72 23.34 13.70
N ARG B 27 -16.32 22.33 14.34
CA ARG B 27 -15.56 21.11 14.61
C ARG B 27 -15.31 20.31 13.34
N SER B 28 -16.26 20.33 12.41
CA SER B 28 -16.22 19.48 11.24
C SER B 28 -15.94 20.24 9.95
N HIS B 29 -15.90 21.57 10.00
CA HIS B 29 -15.62 22.39 8.83
C HIS B 29 -14.69 23.53 9.22
N TYR B 30 -13.92 24.01 8.25
CA TYR B 30 -13.04 25.15 8.47
C TYR B 30 -13.83 26.44 8.38
N ALA B 31 -13.13 27.56 8.49
CA ALA B 31 -13.74 28.87 8.50
C ALA B 31 -13.09 29.75 7.44
N SER B 32 -13.55 31.00 7.39
CA SER B 32 -12.96 32.03 6.56
C SER B 32 -13.12 33.34 7.30
N TRP B 33 -12.10 34.17 7.28
CA TRP B 33 -12.08 35.40 8.07
C TRP B 33 -12.11 36.60 7.14
N TYR B 34 -13.06 37.51 7.40
CA TYR B 34 -13.30 38.64 6.53
C TYR B 34 -13.19 39.93 7.33
N GLN B 35 -12.45 40.88 6.79
CA GLN B 35 -12.38 42.24 7.30
C GLN B 35 -13.44 43.09 6.61
N LYS B 36 -13.98 44.04 7.35
CA LYS B 36 -15.06 44.87 6.82
C LYS B 36 -14.97 46.24 7.49
N LYS B 37 -14.64 47.26 6.69
CA LYS B 37 -14.74 48.66 7.08
C LYS B 37 -16.06 49.23 6.55
N PRO B 38 -16.57 50.31 7.15
CA PRO B 38 -17.85 50.86 6.70
C PRO B 38 -17.78 51.34 5.25
N GLY B 39 -18.82 51.03 4.50
CA GLY B 39 -18.88 51.41 3.10
C GLY B 39 -18.02 50.53 2.22
N GLN B 40 -16.85 50.14 2.71
CA GLN B 40 -15.92 49.32 1.96
C GLN B 40 -16.36 47.86 1.99
N ALA B 41 -15.98 47.12 0.95
CA ALA B 41 -16.41 45.75 0.80
C ALA B 41 -15.70 44.84 1.79
N PRO B 42 -16.24 43.64 2.03
CA PRO B 42 -15.51 42.66 2.84
C PRO B 42 -14.23 42.21 2.16
N VAL B 43 -13.23 41.88 2.98
CA VAL B 43 -11.93 41.47 2.52
C VAL B 43 -11.66 40.08 3.07
N LEU B 44 -11.54 39.10 2.19
CA LEU B 44 -11.10 37.78 2.63
C LEU B 44 -9.72 37.90 3.23
N LEU B 45 -9.53 37.30 4.41
CA LEU B 45 -8.25 37.37 5.12
C LEU B 45 -7.60 36.01 5.31
N PHE B 46 -8.37 34.92 5.30
CA PHE B 46 -7.84 33.59 5.58
C PHE B 46 -8.98 32.59 5.43
N TYR B 47 -8.63 31.33 5.21
CA TYR B 47 -9.60 30.24 5.21
C TYR B 47 -8.86 28.93 5.36
N GLY B 48 -9.62 27.85 5.54
CA GLY B 48 -9.17 26.47 5.50
C GLY B 48 -8.08 26.16 6.51
N LYS B 49 -7.26 25.16 6.17
CA LYS B 49 -6.20 24.70 7.06
C LYS B 49 -5.16 25.79 7.28
N ASN B 50 -4.50 26.23 6.20
CA ASN B 50 -3.51 27.32 6.29
C ASN B 50 -3.39 27.95 4.91
N ASN B 51 -4.41 28.73 4.55
CA ASN B 51 -4.46 29.43 3.26
C ASN B 51 -4.63 30.92 3.55
N ARG B 52 -3.58 31.70 3.25
CA ARG B 52 -3.65 33.15 3.31
C ARG B 52 -3.54 33.70 1.89
N PRO B 53 -4.64 34.15 1.27
CA PRO B 53 -4.56 34.63 -0.11
C PRO B 53 -3.57 35.77 -0.26
N SER B 54 -3.05 35.92 -1.49
CA SER B 54 -1.98 36.87 -1.74
C SER B 54 -2.45 38.30 -1.49
N GLY B 55 -1.55 39.13 -0.99
CA GLY B 55 -1.82 40.52 -0.68
C GLY B 55 -2.19 40.77 0.76
N ILE B 56 -2.88 39.83 1.38
CA ILE B 56 -3.18 39.90 2.80
C ILE B 56 -1.86 39.83 3.56
N PRO B 57 -1.54 40.83 4.38
CA PRO B 57 -0.23 40.83 5.07
C PRO B 57 0.01 39.57 5.86
N ASP B 58 1.29 39.26 6.11
CA ASP B 58 1.63 38.03 6.81
C ASP B 58 1.07 37.98 8.23
N ARG B 59 0.75 39.13 8.80
CA ARG B 59 0.36 39.20 10.21
C ARG B 59 -1.03 38.66 10.48
N PHE B 60 -1.79 38.27 9.46
CA PHE B 60 -3.10 37.67 9.63
C PHE B 60 -2.97 36.16 9.54
N SER B 61 -3.47 35.45 10.55
CA SER B 61 -3.30 34.00 10.55
C SER B 61 -4.51 33.30 11.18
N GLY B 62 -5.05 32.31 10.47
CA GLY B 62 -6.16 31.55 10.99
C GLY B 62 -5.73 30.35 11.84
N SER B 63 -6.63 29.93 12.73
CA SER B 63 -6.37 28.82 13.63
C SER B 63 -7.68 28.08 13.91
N ALA B 64 -7.57 26.79 14.19
CA ALA B 64 -8.74 25.95 14.41
C ALA B 64 -8.45 24.92 15.49
N SER B 65 -9.45 24.68 16.33
CA SER B 65 -9.37 23.64 17.36
C SER B 65 -10.79 23.17 17.65
N GLY B 66 -10.88 22.17 18.53
CA GLY B 66 -12.12 21.57 19.01
C GLY B 66 -13.41 22.03 18.35
N ASN B 67 -14.01 23.10 18.88
CA ASN B 67 -15.15 23.75 18.23
C ASN B 67 -14.87 25.23 17.94
N ARG B 68 -13.63 25.66 18.05
CA ARG B 68 -13.28 27.07 17.95
C ARG B 68 -12.44 27.35 16.70
N ALA B 69 -12.60 28.55 16.17
CA ALA B 69 -11.73 29.10 15.14
C ALA B 69 -11.26 30.46 15.63
N SER B 70 -10.14 30.93 15.08
CA SER B 70 -9.58 32.18 15.58
C SER B 70 -8.76 32.87 14.51
N LEU B 71 -8.96 34.18 14.40
CA LEU B 71 -8.10 35.03 13.58
C LEU B 71 -7.09 35.74 14.48
N THR B 72 -5.82 35.60 14.14
CA THR B 72 -4.71 36.16 14.90
C THR B 72 -4.14 37.33 14.13
N ILE B 73 -4.17 38.51 14.74
CA ILE B 73 -3.57 39.73 14.22
C ILE B 73 -2.33 40.01 15.05
N THR B 74 -1.17 39.89 14.42
CA THR B 74 0.12 40.07 15.06
C THR B 74 0.69 41.43 14.67
N GLY B 75 0.99 42.26 15.66
CA GLY B 75 1.40 43.62 15.36
C GLY B 75 0.22 44.45 14.89
N ALA B 76 -0.59 44.90 15.84
CA ALA B 76 -1.77 45.68 15.50
C ALA B 76 -1.39 46.93 14.73
N GLN B 77 -2.24 47.31 13.78
CA GLN B 77 -2.08 48.54 13.01
C GLN B 77 -3.37 49.33 13.09
N ALA B 78 -3.26 50.66 12.95
CA ALA B 78 -4.45 51.50 12.99
C ALA B 78 -5.38 51.20 11.82
N GLU B 79 -4.85 50.73 10.69
CA GLU B 79 -5.64 50.31 9.54
C GLU B 79 -6.17 48.88 9.69
N ASP B 80 -6.27 48.38 10.92
CA ASP B 80 -6.97 47.14 11.21
C ASP B 80 -8.22 47.35 12.06
N GLU B 81 -8.40 48.54 12.63
CA GLU B 81 -9.63 48.92 13.30
C GLU B 81 -10.82 48.72 12.36
N ALA B 82 -11.49 47.58 12.46
CA ALA B 82 -12.53 47.22 11.52
C ALA B 82 -13.47 46.21 12.18
N ASP B 83 -14.37 45.64 11.39
CA ASP B 83 -15.17 44.50 11.81
C ASP B 83 -14.58 43.24 11.20
N TYR B 84 -14.70 42.13 11.93
CA TYR B 84 -14.13 40.86 11.50
C TYR B 84 -15.17 39.77 11.67
N TYR B 85 -15.36 38.98 10.61
CA TYR B 85 -16.42 37.97 10.57
C TYR B 85 -15.82 36.62 10.22
N CYS B 86 -16.17 35.61 11.02
CA CYS B 86 -15.93 34.22 10.66
C CYS B 86 -17.05 33.75 9.74
N SER B 87 -16.73 32.74 8.93
CA SER B 87 -17.72 32.20 8.01
C SER B 87 -17.48 30.71 7.81
N SER B 88 -18.55 29.93 7.93
CA SER B 88 -18.39 28.49 7.72
C SER B 88 -19.76 27.90 7.35
N ARG B 89 -19.98 26.63 7.67
CA ARG B 89 -21.29 26.04 7.50
C ARG B 89 -22.15 26.36 8.71
N ASP B 90 -23.47 26.25 8.53
CA ASP B 90 -24.37 26.42 9.69
C ASP B 90 -24.34 25.18 10.57
N LYS B 91 -24.46 24.01 9.96
CA LYS B 91 -24.38 22.73 10.62
C LYS B 91 -23.33 21.88 9.93
N SER B 92 -22.99 20.75 10.53
CA SER B 92 -22.02 19.84 9.94
C SER B 92 -22.63 19.15 8.72
N GLY B 93 -22.03 19.38 7.55
CA GLY B 93 -22.46 18.71 6.35
C GLY B 93 -23.48 19.45 5.52
N SER B 94 -23.65 20.75 5.72
CA SER B 94 -24.64 21.51 4.98
C SER B 94 -23.99 22.31 3.86
N ARG B 95 -24.74 22.49 2.78
CA ARG B 95 -24.31 23.38 1.70
C ARG B 95 -24.55 24.84 2.06
N LEU B 96 -25.48 25.10 2.99
CA LEU B 96 -25.73 26.46 3.44
C LEU B 96 -24.52 26.97 4.21
N SER B 97 -24.07 28.18 3.86
CA SER B 97 -23.00 28.86 4.59
C SER B 97 -23.59 29.94 5.48
N VAL B 98 -22.78 30.40 6.43
CA VAL B 98 -23.27 31.27 7.49
C VAL B 98 -22.11 32.07 8.05
N PHE B 99 -22.40 33.31 8.46
CA PHE B 99 -21.45 34.21 9.09
C PHE B 99 -21.67 34.26 10.59
N GLY B 100 -20.65 34.74 11.30
CA GLY B 100 -20.76 34.97 12.71
C GLY B 100 -21.33 36.35 13.00
N GLY B 101 -21.45 36.64 14.30
CA GLY B 101 -21.96 37.94 14.71
C GLY B 101 -21.07 39.09 14.28
N GLY B 102 -19.77 38.84 14.18
CA GLY B 102 -18.83 39.90 13.89
C GLY B 102 -18.19 40.45 15.16
N THR B 103 -16.98 40.95 15.03
CA THR B 103 -16.22 41.45 16.16
C THR B 103 -15.62 42.81 15.82
N LYS B 104 -15.94 43.81 16.63
CA LYS B 104 -15.47 45.18 16.41
C LYS B 104 -14.10 45.34 17.08
N LEU B 105 -13.07 45.53 16.25
CA LEU B 105 -11.72 45.73 16.75
C LEU B 105 -11.43 47.22 16.87
N THR B 106 -11.18 47.68 18.09
CA THR B 106 -10.60 49.00 18.31
C THR B 106 -9.10 48.84 18.43
N VAL B 107 -8.36 49.65 17.68
CA VAL B 107 -6.90 49.68 17.77
C VAL B 107 -6.59 50.90 18.63
N LEU B 108 -6.51 50.68 19.94
CA LEU B 108 -6.29 51.75 20.91
C LEU B 108 -5.02 52.53 20.60
N SER B 109 -5.14 53.54 19.73
CA SER B 109 -4.01 54.35 19.32
C SER B 109 -4.18 55.81 19.73
N GLN B 110 -5.09 56.09 20.66
CA GLN B 110 -5.27 57.42 21.21
C GLN B 110 -5.58 57.28 22.70
N PRO B 111 -5.23 58.28 23.50
CA PRO B 111 -5.48 58.18 24.95
C PRO B 111 -6.96 58.33 25.27
N LYS B 112 -7.37 57.63 26.31
CA LYS B 112 -8.76 57.65 26.76
C LYS B 112 -9.18 59.07 27.15
N ALA B 113 -10.43 59.42 26.84
CA ALA B 113 -10.99 60.71 27.20
C ALA B 113 -12.42 60.53 27.68
N ALA B 114 -12.88 61.48 28.53
CA ALA B 114 -14.20 61.41 29.16
C ALA B 114 -15.25 62.03 28.26
N PRO B 115 -16.51 61.61 28.38
CA PRO B 115 -17.57 62.15 27.53
C PRO B 115 -18.09 63.47 28.09
N SER B 116 -18.17 64.48 27.22
CA SER B 116 -18.79 65.75 27.57
C SER B 116 -20.22 65.75 27.05
N VAL B 117 -21.18 65.93 27.95
CA VAL B 117 -22.59 65.75 27.66
C VAL B 117 -23.30 67.10 27.72
N THR B 118 -24.08 67.40 26.68
CA THR B 118 -24.88 68.61 26.61
C THR B 118 -26.32 68.21 26.29
N LEU B 119 -27.26 68.59 27.13
CA LEU B 119 -28.64 68.14 27.04
C LEU B 119 -29.60 69.31 26.88
N PHE B 120 -30.46 69.25 25.84
CA PHE B 120 -31.49 70.20 25.46
C PHE B 120 -32.88 69.65 25.75
N PRO B 121 -33.74 70.48 26.33
CA PRO B 121 -35.16 70.16 26.41
C PRO B 121 -35.83 70.41 25.08
N PRO B 122 -37.16 70.30 24.99
CA PRO B 122 -37.84 70.76 23.77
C PRO B 122 -37.66 72.25 23.60
N SER B 123 -38.11 72.74 22.46
CA SER B 123 -38.17 74.17 22.19
C SER B 123 -39.62 74.61 22.17
N SER B 124 -39.83 75.89 22.49
CA SER B 124 -41.19 76.43 22.51
C SER B 124 -41.89 76.21 21.18
N GLU B 125 -41.12 76.17 20.08
CA GLU B 125 -41.71 75.87 18.79
C GLU B 125 -42.26 74.45 18.74
N GLU B 126 -41.39 73.46 18.96
CA GLU B 126 -41.81 72.07 18.88
C GLU B 126 -42.96 71.79 19.85
N LEU B 127 -42.96 72.46 21.00
CA LEU B 127 -44.07 72.33 21.95
C LEU B 127 -45.33 72.96 21.38
N GLN B 128 -45.21 74.11 20.72
CA GLN B 128 -46.34 74.66 19.97
C GLN B 128 -46.78 73.71 18.88
N ALA B 129 -45.85 72.95 18.29
CA ALA B 129 -46.15 71.99 17.24
C ALA B 129 -46.77 70.71 17.78
N ASN B 130 -46.93 70.58 19.10
CA ASN B 130 -47.51 69.43 19.79
C ASN B 130 -46.52 68.27 19.92
N LYS B 131 -45.25 68.49 19.59
CA LYS B 131 -44.21 67.48 19.72
C LYS B 131 -43.26 67.84 20.86
N ALA B 132 -42.49 66.86 21.31
CA ALA B 132 -41.52 67.09 22.38
C ALA B 132 -40.36 66.13 22.19
N THR B 133 -39.18 66.68 21.92
CA THR B 133 -37.98 65.88 21.68
C THR B 133 -36.84 66.44 22.52
N LEU B 134 -36.33 65.63 23.45
CA LEU B 134 -35.14 65.93 24.21
C LEU B 134 -33.91 65.45 23.45
N VAL B 135 -32.87 66.28 23.43
CA VAL B 135 -31.67 65.99 22.64
C VAL B 135 -30.47 65.92 23.57
N CYS B 136 -29.70 64.83 23.46
CA CYS B 136 -28.52 64.61 24.32
C CYS B 136 -27.33 64.39 23.41
N LEU B 137 -26.37 65.32 23.44
CA LEU B 137 -25.21 65.32 22.56
C LEU B 137 -23.97 65.01 23.38
N ILE B 138 -23.26 63.95 22.99
CA ILE B 138 -22.11 63.42 23.71
C ILE B 138 -20.90 63.60 22.81
N SER B 139 -19.91 64.35 23.27
CA SER B 139 -18.78 64.74 22.42
C SER B 139 -17.47 64.49 23.14
N ASP B 140 -16.40 64.36 22.34
CA ASP B 140 -15.04 64.55 22.85
C ASP B 140 -14.62 63.40 23.76
N PHE B 141 -14.93 62.18 23.36
CA PHE B 141 -14.64 61.00 24.17
C PHE B 141 -13.87 59.98 23.34
N TYR B 142 -13.23 59.04 24.04
CA TYR B 142 -12.48 57.95 23.44
C TYR B 142 -12.42 56.84 24.47
N PRO B 143 -12.65 55.57 24.09
CA PRO B 143 -12.97 55.12 22.73
C PRO B 143 -14.43 55.36 22.33
N GLY B 144 -14.74 55.07 21.07
CA GLY B 144 -16.08 55.28 20.55
C GLY B 144 -17.07 54.23 21.00
N ALA B 145 -17.53 54.32 22.25
CA ALA B 145 -18.52 53.41 22.78
C ALA B 145 -19.13 54.04 24.03
N VAL B 146 -20.45 54.11 24.07
CA VAL B 146 -21.15 54.84 25.13
C VAL B 146 -22.49 54.17 25.40
N THR B 147 -22.97 54.29 26.64
CA THR B 147 -24.27 53.79 27.04
C THR B 147 -25.14 54.94 27.51
N VAL B 148 -26.33 55.08 26.92
CA VAL B 148 -27.25 56.17 27.25
C VAL B 148 -28.52 55.59 27.86
N ALA B 149 -29.02 56.28 28.88
CA ALA B 149 -30.28 55.92 29.53
C ALA B 149 -31.00 57.18 29.96
N TRP B 150 -32.33 57.18 29.81
CA TRP B 150 -33.14 58.35 30.13
C TRP B 150 -33.98 58.08 31.37
N LYS B 151 -34.02 59.06 32.26
CA LYS B 151 -34.71 58.95 33.55
C LYS B 151 -35.76 60.03 33.68
N ALA B 152 -36.97 59.63 34.07
CA ALA B 152 -38.08 60.55 34.35
C ALA B 152 -38.31 60.54 35.86
N ASP B 153 -37.80 61.58 36.53
CA ASP B 153 -37.76 61.62 37.99
C ASP B 153 -36.94 60.46 38.54
N SER B 154 -35.88 60.10 37.81
CA SER B 154 -34.98 59.01 38.16
C SER B 154 -35.67 57.65 38.10
N SER B 155 -36.52 57.46 37.10
CA SER B 155 -37.16 56.20 36.79
C SER B 155 -36.80 55.79 35.37
N PRO B 156 -36.85 54.49 35.05
CA PRO B 156 -36.45 54.05 33.70
C PRO B 156 -37.47 54.47 32.65
N VAL B 157 -36.97 55.05 31.57
CA VAL B 157 -37.79 55.39 30.40
C VAL B 157 -37.20 54.63 29.22
N LYS B 158 -37.71 53.42 29.00
CA LYS B 158 -37.16 52.50 28.01
C LYS B 158 -37.84 52.60 26.65
N ALA B 159 -38.77 53.54 26.47
CA ALA B 159 -39.47 53.73 25.21
C ALA B 159 -39.36 55.18 24.77
N GLY B 160 -39.38 55.39 23.46
CA GLY B 160 -39.19 56.72 22.91
C GLY B 160 -37.75 57.12 22.74
N VAL B 161 -36.82 56.17 22.81
CA VAL B 161 -35.39 56.46 22.76
C VAL B 161 -34.85 56.08 21.39
N GLU B 162 -33.94 56.89 20.87
CA GLU B 162 -33.20 56.52 19.66
C GLU B 162 -31.80 57.12 19.72
N THR B 163 -30.77 56.28 19.57
CA THR B 163 -29.39 56.68 19.81
C THR B 163 -28.53 56.38 18.59
N THR B 164 -27.71 57.36 18.18
CA THR B 164 -26.85 57.20 17.02
C THR B 164 -25.56 56.48 17.38
N THR B 165 -24.80 56.13 16.35
CA THR B 165 -23.52 55.46 16.47
C THR B 165 -22.38 56.47 16.44
N PRO B 166 -21.38 56.35 17.30
CA PRO B 166 -20.33 57.37 17.37
C PRO B 166 -19.57 57.50 16.06
N SER B 167 -19.36 58.75 15.64
CA SER B 167 -18.64 59.07 14.42
C SER B 167 -17.44 59.96 14.75
N LYS B 168 -16.36 59.75 14.01
CA LYS B 168 -15.13 60.52 14.24
C LYS B 168 -15.38 62.01 14.02
N GLN B 169 -15.07 62.82 15.03
CA GLN B 169 -15.15 64.27 14.89
C GLN B 169 -14.00 64.79 14.03
N SER B 170 -13.48 65.97 14.36
CA SER B 170 -12.31 66.50 13.67
C SER B 170 -11.02 66.27 14.43
N ASN B 171 -11.07 66.27 15.76
CA ASN B 171 -9.92 66.01 16.62
C ASN B 171 -9.66 64.51 16.83
N ASN B 172 -10.19 63.66 15.95
CA ASN B 172 -10.10 62.21 16.02
C ASN B 172 -10.76 61.62 17.26
N LYS B 173 -11.51 62.40 18.01
CA LYS B 173 -12.37 61.86 19.06
C LYS B 173 -13.77 61.63 18.50
N TYR B 174 -14.57 60.87 19.24
CA TYR B 174 -15.88 60.46 18.77
C TYR B 174 -16.99 61.32 19.40
N ALA B 175 -18.20 61.14 18.87
CA ALA B 175 -19.38 61.91 19.24
C ALA B 175 -20.63 61.17 18.78
N ALA B 176 -21.64 61.14 19.66
CA ALA B 176 -22.91 60.47 19.39
C ALA B 176 -24.04 61.30 19.98
N SER B 177 -25.28 60.92 19.66
CA SER B 177 -26.45 61.67 20.12
C SER B 177 -27.59 60.73 20.43
N SER B 178 -28.50 61.20 21.28
CA SER B 178 -29.65 60.43 21.72
C SER B 178 -30.88 61.32 21.80
N TYR B 179 -31.98 60.86 21.23
CA TYR B 179 -33.23 61.61 21.14
C TYR B 179 -34.30 60.87 21.95
N LEU B 180 -34.90 61.57 22.91
CA LEU B 180 -35.98 61.04 23.73
C LEU B 180 -37.28 61.74 23.33
N SER B 181 -38.27 60.95 22.93
CA SER B 181 -39.52 61.47 22.39
C SER B 181 -40.63 61.31 23.42
N LEU B 182 -41.32 62.41 23.73
CA LEU B 182 -42.41 62.39 24.69
C LEU B 182 -43.57 63.22 24.15
N THR B 183 -44.75 62.98 24.71
CA THR B 183 -45.83 63.94 24.52
C THR B 183 -45.60 65.13 25.46
N PRO B 184 -45.98 66.33 25.05
CA PRO B 184 -45.76 67.50 25.94
C PRO B 184 -46.45 67.37 27.28
N GLU B 185 -47.55 66.60 27.35
CA GLU B 185 -48.22 66.38 28.63
C GLU B 185 -47.35 65.57 29.58
N GLN B 186 -46.65 64.55 29.05
CA GLN B 186 -45.67 63.84 29.86
C GLN B 186 -44.54 64.77 30.28
N TRP B 187 -44.10 65.65 29.37
CA TRP B 187 -42.92 66.48 29.63
C TRP B 187 -43.21 67.56 30.67
N LYS B 188 -44.45 68.05 30.74
CA LYS B 188 -44.78 69.08 31.73
C LYS B 188 -45.23 68.49 33.07
N SER B 189 -45.87 67.32 33.06
CA SER B 189 -46.32 66.67 34.29
C SER B 189 -45.25 65.79 34.92
N HIS B 190 -43.97 66.07 34.65
CA HIS B 190 -42.85 65.51 35.39
C HIS B 190 -41.98 66.65 35.89
N ARG B 191 -41.25 66.41 36.97
CA ARG B 191 -40.39 67.45 37.53
C ARG B 191 -39.00 67.47 36.90
N SER B 192 -38.53 66.34 36.36
CA SER B 192 -37.18 66.29 35.83
C SER B 192 -37.08 65.20 34.77
N TYR B 193 -36.16 65.40 33.82
CA TYR B 193 -35.78 64.41 32.83
C TYR B 193 -34.27 64.46 32.67
N SER B 194 -33.63 63.29 32.69
CA SER B 194 -32.18 63.22 32.79
C SER B 194 -31.61 62.27 31.75
N CYS B 195 -30.60 62.74 31.03
CA CYS B 195 -29.81 61.90 30.12
C CYS B 195 -28.58 61.40 30.87
N GLN B 196 -28.31 60.10 30.75
CA GLN B 196 -27.31 59.41 31.57
C GLN B 196 -26.35 58.68 30.65
N VAL B 197 -25.10 59.13 30.61
CA VAL B 197 -24.07 58.57 29.75
C VAL B 197 -23.07 57.82 30.61
N THR B 198 -22.80 56.58 30.22
CA THR B 198 -21.83 55.70 30.87
C THR B 198 -20.76 55.39 29.85
N HIS B 199 -19.55 55.90 30.10
CA HIS B 199 -18.38 55.67 29.24
C HIS B 199 -17.27 55.13 30.11
N GLU B 200 -16.85 53.89 29.84
CA GLU B 200 -15.85 53.18 30.63
C GLU B 200 -16.16 53.31 32.12
N GLY B 201 -17.40 52.97 32.48
CA GLY B 201 -17.85 53.06 33.86
C GLY B 201 -18.32 54.43 34.29
N SER B 202 -17.67 55.47 33.78
CA SER B 202 -17.96 56.83 34.21
C SER B 202 -19.39 57.21 33.88
N THR B 203 -20.15 57.56 34.90
CA THR B 203 -21.57 57.92 34.75
C THR B 203 -21.69 59.44 34.83
N VAL B 204 -21.51 60.10 33.70
CA VAL B 204 -21.90 61.49 33.59
C VAL B 204 -23.41 61.52 33.42
N GLU B 205 -24.09 62.45 34.06
CA GLU B 205 -25.54 62.51 33.96
C GLU B 205 -25.97 63.97 33.99
N LYS B 206 -26.54 64.44 32.89
CA LYS B 206 -27.04 65.80 32.81
C LYS B 206 -28.56 65.77 32.86
N THR B 207 -29.15 66.87 33.33
CA THR B 207 -30.56 66.89 33.67
C THR B 207 -31.18 68.20 33.23
N VAL B 208 -32.40 68.13 32.69
CA VAL B 208 -33.17 69.31 32.32
C VAL B 208 -34.60 69.08 32.81
N ALA B 209 -35.39 70.15 32.75
CA ALA B 209 -36.72 70.16 33.33
C ALA B 209 -37.43 71.44 32.87
N PRO B 210 -38.77 71.47 32.97
CA PRO B 210 -39.51 72.70 32.64
C PRO B 210 -38.96 73.94 33.30
N THR B 211 -38.26 74.77 32.52
CA THR B 211 -37.59 75.97 32.99
C THR B 211 -38.54 76.92 33.70
N LEU C 1 26.38 -14.80 0.78
CA LEU C 1 25.47 -13.68 0.99
C LEU C 1 24.85 -13.73 2.38
N TRP C 2 25.38 -12.87 3.26
CA TRP C 2 24.92 -12.60 4.63
C TRP C 2 23.94 -13.63 5.16
N ASN C 3 24.40 -14.88 5.29
CA ASN C 3 23.56 -16.04 5.59
C ASN C 3 22.42 -16.19 4.58
N TRP C 4 22.68 -16.96 3.52
CA TRP C 4 21.70 -17.15 2.46
C TRP C 4 20.40 -17.77 2.98
N PHE C 5 20.52 -18.75 3.88
CA PHE C 5 19.34 -19.42 4.42
C PHE C 5 18.36 -18.40 5.03
N ASP C 6 18.88 -17.49 5.85
CA ASP C 6 18.02 -16.52 6.53
C ASP C 6 17.47 -15.48 5.56
N ILE C 7 18.30 -15.04 4.61
CA ILE C 7 17.84 -14.11 3.58
C ILE C 7 16.64 -14.70 2.85
N THR C 8 16.75 -15.96 2.44
CA THR C 8 15.67 -16.59 1.69
C THR C 8 14.44 -16.83 2.55
N ASN C 9 14.64 -17.24 3.81
CA ASN C 9 13.51 -17.41 4.72
C ASN C 9 12.74 -16.11 4.89
N TRP C 10 13.46 -15.00 5.14
CA TRP C 10 12.81 -13.71 5.33
C TRP C 10 12.12 -13.22 4.07
N LEU C 11 12.74 -13.39 2.90
CA LEU C 11 12.10 -13.02 1.65
C LEU C 11 10.83 -13.81 1.42
N TRP C 12 10.85 -15.11 1.75
CA TRP C 12 9.65 -15.92 1.62
C TRP C 12 8.55 -15.43 2.54
N TYR C 13 8.90 -15.14 3.79
CA TYR C 13 7.93 -14.57 4.71
C TYR C 13 7.40 -13.24 4.18
N ILE C 14 8.20 -12.50 3.43
CA ILE C 14 7.76 -11.22 2.90
C ILE C 14 6.73 -11.43 1.78
N LYS C 15 6.95 -12.43 0.92
CA LYS C 15 5.90 -12.80 -0.03
C LYS C 15 4.63 -13.19 0.70
N SER C 16 4.76 -14.09 1.67
CA SER C 16 3.60 -14.60 2.41
C SER C 16 2.91 -13.49 3.20
N LEU C 17 3.62 -12.41 3.49
CA LEU C 17 3.02 -11.25 4.14
C LEU C 17 2.21 -10.43 3.14
N PHE C 18 2.88 -9.97 2.08
CA PHE C 18 2.24 -9.28 0.97
C PHE C 18 0.91 -9.94 0.61
N ALA C 19 0.93 -11.28 0.56
CA ALA C 19 -0.27 -12.08 0.38
C ALA C 19 -1.38 -11.66 1.33
N VAL C 20 -1.13 -11.80 2.63
CA VAL C 20 -2.14 -11.55 3.64
C VAL C 20 -2.56 -10.08 3.62
N ILE C 21 -1.60 -9.18 3.38
CA ILE C 21 -1.91 -7.76 3.29
C ILE C 21 -2.99 -7.52 2.25
N ILE C 22 -2.81 -8.08 1.05
CA ILE C 22 -3.79 -7.81 -0.01
C ILE C 22 -5.11 -8.51 0.29
N GLY C 23 -5.05 -9.79 0.65
CA GLY C 23 -6.27 -10.53 0.93
C GLY C 23 -7.12 -9.87 2.00
N GLY C 24 -6.50 -9.49 3.11
CA GLY C 24 -7.19 -8.80 4.19
C GLY C 24 -7.63 -7.39 3.87
N SER C 25 -6.83 -6.62 3.12
CA SER C 25 -7.24 -5.26 2.76
C SER C 25 -8.39 -5.25 1.76
N VAL C 26 -8.69 -6.38 1.14
CA VAL C 26 -9.95 -6.49 0.40
C VAL C 26 -11.08 -7.04 1.28
N GLY C 27 -10.79 -8.09 2.07
CA GLY C 27 -11.81 -8.69 2.90
C GLY C 27 -12.42 -7.72 3.89
N CYS C 28 -11.58 -6.88 4.51
CA CYS C 28 -12.09 -5.88 5.44
C CYS C 28 -12.99 -4.88 4.74
N THR C 29 -12.52 -4.30 3.63
CA THR C 29 -13.29 -3.36 2.83
C THR C 29 -14.72 -3.86 2.59
N LEU C 30 -14.85 -5.11 2.14
CA LEU C 30 -16.19 -5.65 1.88
C LEU C 30 -17.06 -5.59 3.13
N ARG C 31 -16.50 -5.98 4.28
CA ARG C 31 -17.27 -5.99 5.52
C ARG C 31 -17.64 -4.57 5.95
N TRP C 32 -16.70 -3.63 5.80
CA TRP C 32 -16.98 -2.23 6.09
C TRP C 32 -18.21 -1.77 5.33
N LEU C 33 -18.26 -2.08 4.04
CA LEU C 33 -19.41 -1.68 3.23
C LEU C 33 -20.70 -2.31 3.76
N LEU C 34 -20.71 -3.65 3.87
CA LEU C 34 -21.94 -4.33 4.25
C LEU C 34 -22.44 -3.88 5.62
N SER C 35 -21.50 -3.64 6.56
CA SER C 35 -21.89 -3.22 7.91
C SER C 35 -22.43 -1.79 7.92
N THR C 36 -21.65 -0.83 7.41
CA THR C 36 -22.11 0.56 7.46
C THR C 36 -23.43 0.74 6.73
N LYS C 37 -23.62 0.04 5.61
CA LYS C 37 -24.85 0.26 4.86
C LYS C 37 -25.99 -0.65 5.29
N PHE C 38 -25.71 -1.69 6.09
CA PHE C 38 -26.76 -2.65 6.44
C PHE C 38 -26.80 -2.96 7.94
N ASN C 39 -26.16 -2.15 8.78
CA ASN C 39 -26.34 -2.28 10.22
C ASN C 39 -27.41 -1.34 10.76
N SER C 40 -27.65 -0.21 10.09
CA SER C 40 -28.73 0.69 10.47
C SER C 40 -30.10 0.03 10.33
N LEU C 41 -30.19 -1.11 9.67
CA LEU C 41 -31.46 -1.76 9.40
C LEU C 41 -31.64 -3.01 10.26
N LEU C 45 -30.36 -7.44 16.10
CA LEU C 45 -29.64 -8.43 15.32
C LEU C 45 -29.08 -7.80 14.04
N PRO C 46 -28.01 -7.02 14.20
CA PRO C 46 -27.47 -6.26 13.06
C PRO C 46 -27.01 -7.18 11.93
N PRO C 47 -27.57 -7.02 10.73
CA PRO C 47 -27.31 -7.98 9.66
C PRO C 47 -26.10 -7.70 8.78
N GLY C 48 -25.47 -6.53 8.86
CA GLY C 48 -24.25 -6.31 8.09
C GLY C 48 -23.11 -7.17 8.60
N THR C 49 -22.80 -7.00 9.90
CA THR C 49 -21.80 -7.82 10.56
C THR C 49 -22.21 -9.28 10.66
N LEU C 50 -23.48 -9.61 10.37
CA LEU C 50 -23.89 -11.00 10.26
C LEU C 50 -23.75 -11.51 8.84
N VAL C 51 -24.06 -10.67 7.84
CA VAL C 51 -23.86 -11.06 6.45
C VAL C 51 -22.39 -11.37 6.19
N VAL C 52 -21.49 -10.53 6.69
CA VAL C 52 -20.09 -10.79 6.42
C VAL C 52 -19.61 -12.06 7.12
N ASN C 53 -20.13 -12.33 8.33
CA ASN C 53 -19.75 -13.55 9.04
C ASN C 53 -20.26 -14.79 8.30
N LEU C 54 -21.53 -14.78 7.87
CA LEU C 54 -22.07 -15.91 7.11
C LEU C 54 -21.30 -16.12 5.82
N LEU C 55 -21.00 -15.03 5.10
CA LEU C 55 -20.26 -15.13 3.84
C LEU C 55 -18.86 -15.70 4.06
N ALA C 56 -18.15 -15.20 5.09
CA ALA C 56 -16.81 -15.73 5.34
C ALA C 56 -16.86 -17.18 5.76
N GLY C 57 -17.86 -17.56 6.56
CA GLY C 57 -18.04 -18.97 6.89
C GLY C 57 -18.22 -19.81 5.65
N LEU C 58 -19.08 -19.36 4.72
CA LEU C 58 -19.31 -20.10 3.49
C LEU C 58 -18.03 -20.23 2.66
N ILE C 59 -17.25 -19.14 2.58
CA ILE C 59 -16.06 -19.18 1.73
C ILE C 59 -15.00 -20.11 2.32
N ILE C 60 -14.65 -19.90 3.59
CA ILE C 60 -13.62 -20.74 4.18
C ILE C 60 -14.11 -22.18 4.36
N GLY C 61 -15.42 -22.42 4.39
CA GLY C 61 -15.93 -23.78 4.37
C GLY C 61 -15.91 -24.42 3.00
N THR C 62 -16.06 -23.61 1.94
CA THR C 62 -15.78 -24.10 0.60
C THR C 62 -14.31 -24.49 0.47
N MET C 63 -13.43 -23.78 1.17
CA MET C 63 -12.00 -23.97 0.96
C MET C 63 -11.33 -24.94 1.95
N LEU C 64 -12.00 -25.34 3.03
CA LEU C 64 -11.45 -26.44 3.83
C LEU C 64 -11.55 -27.74 3.06
N ALA C 65 -12.69 -27.99 2.42
CA ALA C 65 -12.81 -29.17 1.58
C ALA C 65 -11.99 -29.03 0.31
N TYR C 66 -11.70 -27.79 -0.11
CA TYR C 66 -10.91 -27.57 -1.31
C TYR C 66 -9.42 -27.75 -1.04
N PHE C 67 -8.86 -26.96 -0.13
CA PHE C 67 -7.43 -27.07 0.19
C PHE C 67 -7.07 -28.38 0.91
N LEU C 68 -7.99 -29.33 0.98
CA LEU C 68 -7.75 -30.67 1.47
C LEU C 68 -7.81 -31.73 0.38
N ARG C 69 -8.74 -31.57 -0.57
CA ARG C 69 -8.84 -32.45 -1.73
C ARG C 69 -8.31 -31.81 -3.00
N GLN C 70 -8.13 -30.49 -3.02
CA GLN C 70 -7.50 -29.78 -4.14
C GLN C 70 -6.37 -28.91 -3.58
N PRO C 71 -5.27 -29.52 -3.13
CA PRO C 71 -4.12 -28.71 -2.69
C PRO C 71 -3.08 -28.57 -3.79
N HIS C 72 -1.81 -28.50 -3.38
CA HIS C 72 -0.66 -28.63 -4.28
C HIS C 72 -0.53 -27.50 -5.29
N LEU C 73 -1.57 -26.68 -5.48
CA LEU C 73 -1.49 -25.62 -6.48
C LEU C 73 -0.62 -24.45 -6.02
N ASP C 74 -0.74 -24.03 -4.74
CA ASP C 74 0.04 -22.94 -4.15
C ASP C 74 -0.36 -22.69 -2.69
N PRO C 75 0.59 -22.41 -1.79
CA PRO C 75 0.22 -22.02 -0.42
C PRO C 75 -0.12 -20.54 -0.29
N PHE C 76 0.61 -19.70 -1.02
CA PHE C 76 0.34 -18.28 -1.27
C PHE C 76 -1.15 -17.94 -1.22
N TRP C 77 -1.90 -18.48 -2.19
CA TRP C 77 -3.31 -18.14 -2.34
C TRP C 77 -4.16 -18.74 -1.21
N LYS C 78 -3.81 -19.95 -0.75
CA LYS C 78 -4.41 -20.48 0.47
C LYS C 78 -4.39 -19.43 1.58
N LEU C 79 -3.19 -18.93 1.90
CA LEU C 79 -3.04 -18.02 3.03
C LEU C 79 -3.83 -16.74 2.80
N MET C 80 -3.68 -16.13 1.63
CA MET C 80 -4.38 -14.85 1.43
C MET C 80 -5.89 -15.02 1.38
N ILE C 81 -6.39 -16.22 1.06
CA ILE C 81 -7.82 -16.42 1.00
C ILE C 81 -8.40 -16.82 2.36
N THR C 82 -7.63 -17.53 3.19
CA THR C 82 -8.12 -18.02 4.49
C THR C 82 -7.88 -16.99 5.59
N THR C 83 -6.63 -16.88 6.03
CA THR C 83 -6.26 -15.96 7.11
C THR C 83 -6.11 -14.52 6.64
N GLY C 84 -6.73 -14.14 5.52
CA GLY C 84 -6.71 -12.77 5.06
C GLY C 84 -8.08 -12.30 4.62
N LEU C 85 -8.57 -12.84 3.52
CA LEU C 85 -9.91 -12.49 3.04
C LEU C 85 -10.97 -12.86 4.08
N CYS C 86 -11.01 -14.12 4.49
CA CYS C 86 -12.00 -14.62 5.43
C CYS C 86 -11.68 -14.26 6.88
N GLY C 87 -10.65 -13.46 7.10
CA GLY C 87 -10.43 -12.87 8.42
C GLY C 87 -10.82 -11.42 8.42
N GLY C 88 -10.57 -10.74 7.29
CA GLY C 88 -11.00 -9.35 7.16
C GLY C 88 -12.49 -9.21 6.96
N LEU C 89 -13.07 -10.11 6.16
CA LEU C 89 -14.51 -10.10 5.97
C LEU C 89 -15.23 -10.50 7.25
N SER C 90 -14.66 -11.44 7.99
CA SER C 90 -15.28 -11.92 9.22
C SER C 90 -14.87 -11.05 10.41
N THR C 91 -15.62 -11.21 11.50
CA THR C 91 -15.28 -10.54 12.74
C THR C 91 -16.00 -11.23 13.90
N PHE C 92 -15.31 -11.30 15.03
CA PHE C 92 -15.90 -11.72 16.30
C PHE C 92 -16.18 -10.54 17.21
N SER C 93 -15.61 -9.36 16.92
CA SER C 93 -15.65 -8.19 17.79
C SER C 93 -16.89 -7.34 17.57
N THR C 94 -17.15 -6.94 16.31
CA THR C 94 -18.32 -6.14 16.02
C THR C 94 -19.61 -6.87 16.34
N PHE C 95 -19.57 -8.21 16.38
CA PHE C 95 -20.70 -8.97 16.88
C PHE C 95 -20.75 -8.98 18.40
N SER C 96 -19.59 -8.88 19.06
CA SER C 96 -19.56 -8.89 20.52
C SER C 96 -20.06 -7.58 21.10
N VAL C 97 -19.81 -6.45 20.42
CA VAL C 97 -20.23 -5.16 20.95
C VAL C 97 -21.74 -5.10 21.07
N GLU C 98 -22.46 -5.49 20.01
CA GLU C 98 -23.90 -5.30 19.98
C GLU C 98 -24.61 -6.22 20.96
N VAL C 99 -24.03 -7.37 21.29
CA VAL C 99 -24.63 -8.25 22.28
C VAL C 99 -24.71 -7.56 23.64
N PHE C 100 -23.61 -6.95 24.08
CA PHE C 100 -23.65 -6.22 25.35
C PHE C 100 -24.41 -4.91 25.21
N ALA C 101 -24.44 -4.33 24.01
CA ALA C 101 -25.29 -3.17 23.76
C ALA C 101 -26.76 -3.52 23.91
N LEU C 102 -27.12 -4.79 23.76
CA LEU C 102 -28.44 -5.29 24.16
C LEU C 102 -28.50 -5.67 25.63
N LEU C 103 -27.38 -6.12 26.21
CA LEU C 103 -27.37 -6.49 27.62
C LEU C 103 -27.48 -5.25 28.52
N GLN C 104 -26.60 -4.28 28.30
CA GLN C 104 -26.63 -3.06 29.11
C GLN C 104 -27.95 -2.32 28.96
N ALA C 105 -28.59 -2.44 27.79
CA ALA C 105 -29.94 -1.91 27.62
C ALA C 105 -30.99 -2.78 28.30
N GLY C 106 -30.73 -4.08 28.43
CA GLY C 106 -31.67 -4.97 29.09
C GLY C 106 -32.52 -5.77 28.12
N TYR C 108 -32.56 -9.09 26.95
CA TYR C 108 -31.80 -10.32 27.15
C TYR C 108 -32.24 -11.43 26.21
N ILE C 109 -33.37 -11.21 25.53
CA ILE C 109 -33.88 -12.20 24.59
C ILE C 109 -33.18 -12.07 23.24
N TRP C 110 -32.95 -10.84 22.77
CA TRP C 110 -32.22 -10.65 21.53
C TRP C 110 -30.71 -10.69 21.71
N ALA C 111 -30.22 -10.51 22.94
CA ALA C 111 -28.80 -10.70 23.21
C ALA C 111 -28.38 -12.16 23.15
N LEU C 112 -29.31 -13.07 23.47
CA LEU C 112 -29.07 -14.51 23.30
C LEU C 112 -29.42 -14.97 21.89
N THR C 113 -30.42 -14.34 21.27
CA THR C 113 -30.71 -14.60 19.87
C THR C 113 -29.52 -14.24 19.00
N SER C 114 -28.82 -13.15 19.31
CA SER C 114 -27.61 -12.81 18.58
C SER C 114 -26.61 -13.96 18.65
N VAL C 115 -26.32 -14.42 19.86
CA VAL C 115 -25.40 -15.55 20.06
C VAL C 115 -25.80 -16.73 19.18
N LEU C 116 -27.02 -17.22 19.38
CA LEU C 116 -27.45 -18.46 18.74
C LEU C 116 -27.45 -18.32 17.22
N VAL C 117 -28.09 -17.26 16.72
CA VAL C 117 -28.17 -17.04 15.27
C VAL C 117 -26.77 -16.98 14.68
N HIS C 118 -25.93 -16.08 15.20
CA HIS C 118 -24.58 -15.94 14.66
C HIS C 118 -23.86 -17.29 14.59
N VAL C 119 -23.79 -18.00 15.73
CA VAL C 119 -22.96 -19.21 15.77
C VAL C 119 -23.52 -20.27 14.83
N ILE C 120 -24.81 -20.60 14.98
CA ILE C 120 -25.35 -21.73 14.23
C ILE C 120 -25.40 -21.42 12.73
N GLY C 121 -25.71 -20.17 12.37
CA GLY C 121 -25.76 -19.82 10.98
C GLY C 121 -24.40 -19.79 10.30
N SER C 122 -23.42 -19.11 10.93
CA SER C 122 -22.10 -19.12 10.32
C SER C 122 -21.47 -20.51 10.32
N LEU C 123 -21.98 -21.44 11.14
CA LEU C 123 -21.54 -22.83 11.00
C LEU C 123 -22.23 -23.53 9.84
N ILE C 124 -23.55 -23.33 9.68
CA ILE C 124 -24.22 -23.95 8.55
C ILE C 124 -23.71 -23.38 7.23
N MET C 125 -23.09 -22.20 7.25
CA MET C 125 -22.44 -21.71 6.03
C MET C 125 -21.20 -22.52 5.70
N THR C 126 -20.40 -22.87 6.71
CA THR C 126 -19.28 -23.78 6.50
C THR C 126 -19.76 -25.13 6.00
N ALA C 127 -20.88 -25.61 6.54
CA ALA C 127 -21.45 -26.87 6.07
C ALA C 127 -21.86 -26.76 4.60
N LEU C 128 -22.57 -25.70 4.24
CA LEU C 128 -22.92 -25.42 2.86
C LEU C 128 -21.69 -25.48 1.96
N GLY C 129 -20.63 -24.76 2.35
CA GLY C 129 -19.43 -24.71 1.53
C GLY C 129 -18.80 -26.07 1.34
N PHE C 130 -18.57 -26.77 2.45
CA PHE C 130 -17.92 -28.08 2.40
C PHE C 130 -18.72 -29.04 1.52
N PHE C 131 -20.03 -29.14 1.75
CA PHE C 131 -20.75 -30.17 1.00
C PHE C 131 -20.95 -29.75 -0.45
N ILE C 132 -21.10 -28.45 -0.72
CA ILE C 132 -21.12 -27.98 -2.11
C ILE C 132 -19.86 -28.42 -2.83
N ILE C 133 -18.70 -28.13 -2.24
CA ILE C 133 -17.44 -28.37 -2.95
C ILE C 133 -17.19 -29.86 -3.11
N THR C 134 -17.39 -30.64 -2.04
CA THR C 134 -17.09 -32.06 -2.13
C THR C 134 -18.08 -32.79 -3.03
N ILE C 135 -19.34 -32.34 -3.07
CA ILE C 135 -20.31 -32.97 -3.96
C ILE C 135 -20.03 -32.59 -5.40
N LEU C 136 -19.57 -31.35 -5.64
CA LEU C 136 -19.40 -30.84 -7.00
C LEU C 136 -18.56 -31.78 -7.85
N PHE C 137 -17.42 -32.24 -7.31
CA PHE C 137 -16.56 -33.20 -8.01
C PHE C 137 -16.19 -34.30 -7.02
N ALA C 138 -17.16 -35.15 -6.72
CA ALA C 138 -16.93 -36.32 -5.89
C ALA C 138 -16.57 -37.53 -6.76
N LEU D 1 -15.38 19.68 -13.67
CA LEU D 1 -16.79 19.53 -13.96
C LEU D 1 -17.32 18.22 -13.39
N TRP D 2 -16.91 17.91 -12.16
CA TRP D 2 -17.23 16.62 -11.54
C TRP D 2 -18.13 16.75 -10.32
N ASN D 3 -18.82 17.89 -10.16
CA ASN D 3 -19.72 18.13 -9.03
C ASN D 3 -18.95 18.16 -7.71
N TRP D 4 -18.83 19.35 -7.11
CA TRP D 4 -18.04 19.51 -5.89
C TRP D 4 -18.53 18.62 -4.76
N PHE D 5 -19.86 18.55 -4.55
CA PHE D 5 -20.40 17.73 -3.48
C PHE D 5 -19.93 16.28 -3.59
N ASP D 6 -20.03 15.70 -4.79
CA ASP D 6 -19.64 14.32 -4.99
C ASP D 6 -18.13 14.14 -4.90
N ILE D 7 -17.37 15.09 -5.45
CA ILE D 7 -15.91 15.05 -5.32
C ILE D 7 -15.51 14.95 -3.86
N THR D 8 -16.09 15.82 -3.03
CA THR D 8 -15.71 15.86 -1.61
C THR D 8 -16.19 14.62 -0.87
N ASN D 9 -17.41 14.16 -1.16
CA ASN D 9 -17.91 12.94 -0.54
C ASN D 9 -16.98 11.76 -0.82
N TRP D 10 -16.60 11.57 -2.09
CA TRP D 10 -15.80 10.42 -2.48
C TRP D 10 -14.37 10.54 -1.97
N LEU D 11 -13.82 11.76 -1.93
CA LEU D 11 -12.51 11.96 -1.32
C LEU D 11 -12.53 11.59 0.16
N TRP D 12 -13.55 12.06 0.88
CA TRP D 12 -13.69 11.69 2.29
C TRP D 12 -13.74 10.19 2.45
N TYR D 13 -14.54 9.51 1.61
CA TYR D 13 -14.62 8.06 1.69
C TYR D 13 -13.27 7.41 1.35
N ILE D 14 -12.47 8.04 0.50
CA ILE D 14 -11.17 7.46 0.16
C ILE D 14 -10.22 7.55 1.36
N LYS D 15 -10.27 8.67 2.08
CA LYS D 15 -9.48 8.74 3.31
C LYS D 15 -9.97 7.73 4.34
N SER D 16 -11.29 7.63 4.51
CA SER D 16 -11.86 6.65 5.43
C SER D 16 -11.56 5.22 5.00
N LEU D 17 -11.27 5.00 3.72
CA LEU D 17 -10.86 3.69 3.24
C LEU D 17 -9.42 3.42 3.60
N PHE D 18 -8.51 4.31 3.18
CA PHE D 18 -7.10 4.28 3.54
C PHE D 18 -6.94 3.93 5.03
N ALA D 19 -7.77 4.55 5.86
CA ALA D 19 -7.85 4.22 7.28
C ALA D 19 -7.99 2.72 7.51
N VAL D 20 -9.09 2.16 7.00
CA VAL D 20 -9.39 0.75 7.24
C VAL D 20 -8.31 -0.13 6.63
N ILE D 21 -7.79 0.26 5.47
CA ILE D 21 -6.70 -0.49 4.83
C ILE D 21 -5.54 -0.65 5.79
N ILE D 22 -5.11 0.45 6.42
CA ILE D 22 -3.94 0.35 7.29
C ILE D 22 -4.27 -0.41 8.57
N GLY D 23 -5.38 -0.05 9.21
CA GLY D 23 -5.78 -0.73 10.43
C GLY D 23 -5.89 -2.23 10.28
N GLY D 24 -6.59 -2.67 9.22
CA GLY D 24 -6.73 -4.09 8.96
C GLY D 24 -5.48 -4.78 8.47
N SER D 25 -4.63 -4.10 7.67
CA SER D 25 -3.38 -4.72 7.24
C SER D 25 -2.38 -4.88 8.38
N VAL D 26 -2.61 -4.21 9.50
CA VAL D 26 -1.87 -4.54 10.72
C VAL D 26 -2.58 -5.62 11.53
N GLY D 27 -3.89 -5.47 11.72
CA GLY D 27 -4.64 -6.41 12.55
C GLY D 27 -4.54 -7.84 12.03
N CYS D 28 -4.64 -8.01 10.71
CA CYS D 28 -4.53 -9.35 10.13
C CYS D 28 -3.16 -9.95 10.37
N THR D 29 -2.11 -9.19 10.05
CA THR D 29 -0.72 -9.61 10.28
C THR D 29 -0.53 -10.19 11.67
N LEU D 30 -1.00 -9.47 12.69
CA LEU D 30 -0.83 -9.96 14.06
C LEU D 30 -1.47 -11.34 14.24
N ARG D 31 -2.67 -11.53 13.70
CA ARG D 31 -3.38 -12.80 13.85
C ARG D 31 -2.66 -13.90 13.08
N TRP D 32 -2.19 -13.60 11.88
CA TRP D 32 -1.42 -14.57 11.09
C TRP D 32 -0.26 -15.11 11.92
N LEU D 33 0.48 -14.20 12.57
CA LEU D 33 1.60 -14.62 13.39
C LEU D 33 1.15 -15.52 14.53
N LEU D 34 0.20 -15.03 15.34
CA LEU D 34 -0.20 -15.80 16.52
C LEU D 34 -0.78 -17.16 16.14
N SER D 35 -1.50 -17.24 15.03
CA SER D 35 -2.09 -18.51 14.61
C SER D 35 -1.03 -19.47 14.11
N THR D 36 -0.22 -19.07 13.11
CA THR D 36 0.76 -19.99 12.55
C THR D 36 1.74 -20.46 13.62
N LYS D 37 2.13 -19.58 14.55
CA LYS D 37 3.10 -19.97 15.56
C LYS D 37 2.46 -20.63 16.77
N PHE D 38 1.15 -20.51 16.96
CA PHE D 38 0.54 -21.02 18.19
C PHE D 38 -0.71 -21.86 17.93
N ASN D 39 -0.95 -22.30 16.68
CA ASN D 39 -2.03 -23.25 16.43
C ASN D 39 -1.53 -24.70 16.45
N SER D 40 -0.25 -24.92 16.17
CA SER D 40 0.32 -26.25 16.25
C SER D 40 0.31 -26.81 17.66
N LEU D 41 -0.05 -25.99 18.66
CA LEU D 41 0.12 -26.38 20.05
C LEU D 41 -1.22 -26.59 20.77
N PHE D 42 -2.10 -27.42 20.15
CA PHE D 42 -3.36 -28.01 20.63
C PHE D 42 -4.39 -28.06 19.51
N PRO D 43 -4.67 -29.24 18.97
CA PRO D 43 -5.64 -29.34 17.86
C PRO D 43 -7.09 -29.27 18.32
N ASN D 44 -7.38 -29.72 19.54
CA ASN D 44 -8.75 -29.75 20.04
C ASN D 44 -9.29 -28.36 20.37
N LEU D 45 -8.41 -27.39 20.60
CA LEU D 45 -8.84 -26.03 20.94
C LEU D 45 -7.71 -25.07 20.57
N PRO D 46 -7.55 -24.81 19.27
CA PRO D 46 -6.38 -24.07 18.78
C PRO D 46 -6.30 -22.68 19.40
N PRO D 47 -5.21 -22.38 20.10
CA PRO D 47 -5.12 -21.13 20.87
C PRO D 47 -4.62 -19.91 20.11
N GLY D 48 -4.08 -20.05 18.90
CA GLY D 48 -3.69 -18.87 18.15
C GLY D 48 -4.90 -18.08 17.70
N THR D 49 -5.78 -18.74 16.94
CA THR D 49 -7.04 -18.14 16.53
C THR D 49 -7.97 -17.87 17.70
N LEU D 50 -7.67 -18.39 18.89
CA LEU D 50 -8.40 -18.02 20.10
C LEU D 50 -7.76 -16.82 20.79
N VAL D 51 -6.42 -16.77 20.81
CA VAL D 51 -5.74 -15.61 21.37
C VAL D 51 -6.13 -14.35 20.61
N VAL D 52 -6.16 -14.42 19.29
CA VAL D 52 -6.48 -13.21 18.55
C VAL D 52 -7.94 -12.80 18.76
N ASN D 53 -8.85 -13.77 18.89
CA ASN D 53 -10.25 -13.45 19.16
C ASN D 53 -10.42 -12.80 20.52
N LEU D 54 -9.80 -13.39 21.56
CA LEU D 54 -9.87 -12.81 22.90
C LEU D 54 -9.27 -11.41 22.93
N LEU D 55 -8.12 -11.22 22.27
CA LEU D 55 -7.47 -9.91 22.24
C LEU D 55 -8.33 -8.88 21.52
N ALA D 56 -8.92 -9.24 20.37
CA ALA D 56 -9.76 -8.29 19.66
C ALA D 56 -11.02 -7.96 20.45
N GLY D 57 -11.61 -8.96 21.12
CA GLY D 57 -12.72 -8.68 22.01
C GLY D 57 -12.34 -7.70 23.09
N LEU D 58 -11.18 -7.90 23.72
CA LEU D 58 -10.73 -6.98 24.77
C LEU D 58 -10.54 -5.57 24.21
N ILE D 59 -9.94 -5.44 23.02
CA ILE D 59 -9.64 -4.11 22.49
C ILE D 59 -10.93 -3.38 22.13
N ILE D 60 -11.79 -4.02 21.34
CA ILE D 60 -13.01 -3.35 20.93
C ILE D 60 -13.97 -3.15 22.11
N GLY D 61 -13.84 -3.96 23.18
CA GLY D 61 -14.60 -3.71 24.38
C GLY D 61 -14.04 -2.59 25.23
N THR D 62 -12.72 -2.39 25.18
CA THR D 62 -12.14 -1.17 25.74
C THR D 62 -12.63 0.07 25.00
N MET D 63 -12.86 -0.06 23.69
CA MET D 63 -13.15 1.11 22.88
C MET D 63 -14.64 1.39 22.68
N LEU D 64 -15.53 0.45 23.01
CA LEU D 64 -16.95 0.80 23.04
C LEU D 64 -17.24 1.79 24.17
N ALA D 65 -16.69 1.53 25.35
CA ALA D 65 -16.84 2.47 26.46
C ALA D 65 -16.03 3.74 26.23
N TYR D 66 -14.97 3.65 25.42
CA TYR D 66 -14.11 4.80 25.21
C TYR D 66 -14.69 5.74 24.15
N PHE D 67 -14.88 5.24 22.93
CA PHE D 67 -15.40 6.04 21.83
C PHE D 67 -16.91 6.27 21.91
N LEU D 68 -17.48 6.11 23.10
CA LEU D 68 -18.84 6.53 23.43
C LEU D 68 -18.87 7.67 24.44
N ARG D 69 -17.97 7.63 25.42
CA ARG D 69 -17.86 8.68 26.43
C ARG D 69 -16.70 9.64 26.17
N GLN D 70 -15.89 9.40 25.13
CA GLN D 70 -14.77 10.28 24.79
C GLN D 70 -14.87 10.62 23.31
N PRO D 71 -15.49 11.75 22.97
CA PRO D 71 -15.40 12.24 21.59
C PRO D 71 -14.28 13.25 21.41
N HIS D 72 -14.47 14.23 20.53
CA HIS D 72 -13.51 15.28 20.19
C HIS D 72 -12.34 14.74 19.37
N LEU D 73 -12.48 13.54 18.79
CA LEU D 73 -11.41 12.90 18.05
C LEU D 73 -11.78 12.83 16.58
N ASP D 74 -12.20 11.65 16.06
CA ASP D 74 -12.35 11.44 14.63
C ASP D 74 -12.92 10.05 14.34
N PRO D 75 -13.83 9.90 13.37
CA PRO D 75 -14.23 8.54 12.97
C PRO D 75 -13.15 7.79 12.20
N PHE D 76 -12.23 8.51 11.56
CA PHE D 76 -10.98 8.00 11.01
C PHE D 76 -10.38 6.91 11.91
N TRP D 77 -9.94 7.32 13.10
CA TRP D 77 -9.23 6.45 14.01
C TRP D 77 -10.16 5.41 14.65
N LYS D 78 -11.37 5.82 15.05
CA LYS D 78 -12.38 4.87 15.47
C LYS D 78 -12.50 3.71 14.50
N LEU D 79 -12.66 4.03 13.22
CA LEU D 79 -12.93 3.03 12.20
C LEU D 79 -11.73 2.12 11.99
N MET D 80 -10.54 2.70 11.82
CA MET D 80 -9.37 1.85 11.61
C MET D 80 -9.06 1.00 12.84
N ILE D 81 -9.51 1.42 14.03
CA ILE D 81 -9.28 0.62 15.23
C ILE D 81 -10.36 -0.44 15.44
N THR D 82 -11.59 -0.17 15.00
CA THR D 82 -12.73 -1.08 15.24
C THR D 82 -12.92 -2.03 14.07
N THR D 83 -13.49 -1.53 12.98
CA THR D 83 -13.75 -2.32 11.78
C THR D 83 -12.51 -2.53 10.92
N GLY D 84 -11.31 -2.39 11.49
CA GLY D 84 -10.08 -2.66 10.78
C GLY D 84 -9.12 -3.49 11.59
N LEU D 85 -8.57 -2.91 12.66
CA LEU D 85 -7.67 -3.64 13.54
C LEU D 85 -8.38 -4.84 14.18
N CYS D 86 -9.49 -4.59 14.87
CA CYS D 86 -10.24 -5.62 15.56
C CYS D 86 -11.13 -6.45 14.63
N GLY D 87 -11.02 -6.24 13.33
CA GLY D 87 -11.65 -7.13 12.36
C GLY D 87 -10.60 -8.02 11.73
N GLY D 88 -9.42 -7.47 11.51
CA GLY D 88 -8.31 -8.24 10.97
C GLY D 88 -7.70 -9.16 12.01
N LEU D 89 -7.58 -8.66 13.25
CA LEU D 89 -7.09 -9.51 14.32
C LEU D 89 -8.09 -10.61 14.65
N SER D 90 -9.38 -10.31 14.57
CA SER D 90 -10.42 -11.27 14.91
C SER D 90 -10.79 -12.10 13.69
N THR D 91 -11.47 -13.21 13.95
CA THR D 91 -12.00 -14.04 12.88
C THR D 91 -13.09 -14.94 13.45
N PHE D 92 -14.12 -15.18 12.64
CA PHE D 92 -15.11 -16.21 12.91
C PHE D 92 -14.91 -17.44 12.03
N SER D 93 -14.06 -17.34 11.00
CA SER D 93 -13.95 -18.41 10.01
C SER D 93 -12.93 -19.46 10.44
N THR D 94 -11.72 -19.02 10.78
CA THR D 94 -10.68 -19.94 11.21
C THR D 94 -11.06 -20.68 12.48
N PHE D 95 -11.98 -20.12 13.26
CA PHE D 95 -12.57 -20.86 14.38
C PHE D 95 -13.64 -21.83 13.91
N SER D 96 -14.33 -21.52 12.81
CA SER D 96 -15.38 -22.40 12.32
C SER D 96 -14.80 -23.66 11.66
N VAL D 97 -13.63 -23.54 11.02
CA VAL D 97 -13.06 -24.69 10.34
C VAL D 97 -12.73 -25.80 11.34
N GLU D 98 -12.06 -25.44 12.44
CA GLU D 98 -11.55 -26.45 13.35
C GLU D 98 -12.67 -27.16 14.10
N VAL D 99 -13.81 -26.48 14.30
CA VAL D 99 -14.95 -27.13 14.95
C VAL D 99 -15.43 -28.33 14.13
N PHE D 100 -15.62 -28.12 12.82
CA PHE D 100 -16.02 -29.25 11.98
C PHE D 100 -14.87 -30.22 11.75
N ALA D 101 -13.62 -29.73 11.80
CA ALA D 101 -12.48 -30.62 11.77
C ALA D 101 -12.44 -31.55 12.97
N LEU D 102 -13.09 -31.15 14.07
CA LEU D 102 -13.36 -32.06 15.18
C LEU D 102 -14.64 -32.87 14.98
N LEU D 103 -15.63 -32.30 14.28
CA LEU D 103 -16.87 -33.03 14.05
C LEU D 103 -16.66 -34.19 13.07
N GLN D 104 -16.05 -33.91 11.92
CA GLN D 104 -15.88 -34.91 10.87
C GLN D 104 -14.97 -36.05 11.32
N TYR D 108 -16.85 -34.93 19.61
CA TYR D 108 -17.99 -34.03 19.75
C TYR D 108 -17.93 -33.26 21.06
N ILE D 109 -17.03 -33.67 21.96
CA ILE D 109 -16.88 -33.00 23.24
C ILE D 109 -16.02 -31.75 23.10
N TRP D 110 -14.94 -31.84 22.32
CA TRP D 110 -14.10 -30.67 22.09
C TRP D 110 -14.64 -29.78 20.98
N ALA D 111 -15.50 -30.29 20.11
CA ALA D 111 -16.17 -29.46 19.11
C ALA D 111 -17.21 -28.53 19.75
N LEU D 112 -17.80 -28.94 20.87
CA LEU D 112 -18.67 -28.05 21.64
C LEU D 112 -17.91 -27.22 22.65
N THR D 113 -16.80 -27.76 23.17
CA THR D 113 -15.91 -26.96 24.00
C THR D 113 -15.36 -25.78 23.22
N SER D 114 -15.03 -25.99 21.94
CA SER D 114 -14.59 -24.89 21.09
C SER D 114 -15.65 -23.78 21.07
N VAL D 115 -16.89 -24.15 20.76
CA VAL D 115 -18.01 -23.19 20.74
C VAL D 115 -18.07 -22.42 22.04
N LEU D 116 -18.25 -23.14 23.15
CA LEU D 116 -18.50 -22.48 24.44
C LEU D 116 -17.33 -21.60 24.84
N VAL D 117 -16.11 -22.16 24.82
CA VAL D 117 -14.93 -21.38 25.21
C VAL D 117 -14.80 -20.13 24.36
N HIS D 118 -14.76 -20.29 23.03
CA HIS D 118 -14.59 -19.14 22.14
C HIS D 118 -15.62 -18.05 22.47
N VAL D 119 -16.91 -18.41 22.43
CA VAL D 119 -17.95 -17.40 22.58
C VAL D 119 -17.86 -16.72 23.94
N ILE D 120 -17.99 -17.50 25.01
CA ILE D 120 -18.09 -16.90 26.34
C ILE D 120 -16.81 -16.16 26.72
N GLY D 121 -15.64 -16.68 26.31
CA GLY D 121 -14.41 -16.02 26.68
C GLY D 121 -14.17 -14.73 25.91
N SER D 122 -14.37 -14.75 24.59
CA SER D 122 -14.23 -13.50 23.86
C SER D 122 -15.30 -12.49 24.23
N LEU D 123 -16.38 -12.93 24.89
CA LEU D 123 -17.32 -11.96 25.45
C LEU D 123 -16.82 -11.40 26.78
N ILE D 124 -16.27 -12.26 27.65
CA ILE D 124 -15.73 -11.76 28.91
C ILE D 124 -14.53 -10.86 28.64
N MET D 125 -13.91 -10.96 27.45
CA MET D 125 -12.88 -10.00 27.09
C MET D 125 -13.46 -8.62 26.84
N THR D 126 -14.60 -8.55 26.13
CA THR D 126 -15.31 -7.29 25.98
C THR D 126 -15.73 -6.73 27.35
N ALA D 127 -16.17 -7.63 28.24
CA ALA D 127 -16.53 -7.21 29.59
C ALA D 127 -15.32 -6.63 30.32
N LEU D 128 -14.18 -7.32 30.24
CA LEU D 128 -12.93 -6.81 30.81
C LEU D 128 -12.63 -5.41 30.29
N GLY D 129 -12.72 -5.22 28.97
CA GLY D 129 -12.37 -3.93 28.38
C GLY D 129 -13.28 -2.82 28.85
N PHE D 130 -14.60 -3.03 28.73
CA PHE D 130 -15.57 -2.03 29.16
C PHE D 130 -15.40 -1.72 30.64
N PHE D 131 -15.40 -2.76 31.48
CA PHE D 131 -15.07 -2.64 32.90
C PHE D 131 -13.89 -1.70 33.12
N ILE D 132 -12.72 -2.10 32.59
CA ILE D 132 -11.47 -1.38 32.84
C ILE D 132 -11.61 0.09 32.46
N ILE D 133 -12.09 0.35 31.24
CA ILE D 133 -12.08 1.71 30.73
C ILE D 133 -13.04 2.59 31.52
N THR D 134 -14.29 2.13 31.71
CA THR D 134 -15.26 2.98 32.39
C THR D 134 -14.93 3.15 33.88
N ILE D 135 -14.24 2.18 34.48
CA ILE D 135 -13.93 2.29 35.90
C ILE D 135 -12.73 3.19 36.13
N LEU D 136 -11.67 3.02 35.33
CA LEU D 136 -10.43 3.75 35.58
C LEU D 136 -10.63 5.26 35.41
N PHE D 137 -11.47 5.66 34.46
CA PHE D 137 -11.75 7.08 34.27
C PHE D 137 -13.22 7.40 34.46
N ALA D 138 -13.75 7.07 35.63
CA ALA D 138 -15.14 7.40 35.96
C ALA D 138 -15.22 8.74 36.67
N GLU E 1 41.55 -16.23 -15.93
CA GLU E 1 40.14 -16.16 -15.55
C GLU E 1 39.81 -17.23 -14.52
N VAL E 2 38.56 -17.69 -14.52
CA VAL E 2 38.12 -18.67 -13.54
C VAL E 2 38.76 -20.01 -13.83
N ARG E 3 39.57 -20.50 -12.88
CA ARG E 3 40.24 -21.80 -13.01
C ARG E 3 40.11 -22.57 -11.72
N LEU E 4 39.74 -23.85 -11.83
CA LEU E 4 39.68 -24.78 -10.71
C LEU E 4 40.42 -26.05 -11.11
N VAL E 5 41.40 -26.46 -10.32
CA VAL E 5 42.16 -27.67 -10.63
C VAL E 5 42.15 -28.59 -9.41
N GLU E 6 41.66 -29.81 -9.60
CA GLU E 6 41.71 -30.81 -8.54
C GLU E 6 43.05 -31.55 -8.58
N SER E 7 43.39 -32.17 -7.46
CA SER E 7 44.70 -32.78 -7.29
C SER E 7 44.65 -33.76 -6.13
N GLY E 8 45.43 -34.82 -6.24
CA GLY E 8 45.61 -35.77 -5.16
C GLY E 8 44.77 -37.04 -5.24
N GLY E 9 44.26 -37.39 -6.41
CA GLY E 9 43.61 -38.67 -6.54
C GLY E 9 44.60 -39.77 -6.87
N GLY E 10 44.13 -41.00 -6.83
CA GLY E 10 44.98 -42.12 -7.17
C GLY E 10 44.47 -43.37 -6.50
N LEU E 11 45.41 -44.28 -6.25
CA LEU E 11 45.10 -45.57 -5.65
C LEU E 11 45.10 -45.47 -4.13
N VAL E 12 44.23 -46.28 -3.51
CA VAL E 12 44.14 -46.38 -2.05
C VAL E 12 43.30 -47.60 -1.68
N LYS E 13 43.82 -48.43 -0.78
CA LYS E 13 43.10 -49.63 -0.37
C LYS E 13 41.91 -49.28 0.52
N PRO E 14 40.90 -50.15 0.57
CA PRO E 14 39.72 -49.88 1.42
C PRO E 14 40.12 -49.63 2.87
N GLY E 15 39.46 -48.65 3.48
CA GLY E 15 39.77 -48.22 4.82
C GLY E 15 40.84 -47.15 4.93
N GLY E 16 41.48 -46.78 3.82
CA GLY E 16 42.56 -45.81 3.85
C GLY E 16 42.07 -44.39 4.00
N SER E 17 42.93 -43.46 3.57
CA SER E 17 42.63 -42.03 3.67
C SER E 17 43.34 -41.30 2.53
N LEU E 18 42.77 -40.15 2.16
CA LEU E 18 43.26 -39.38 1.03
C LEU E 18 42.76 -37.95 1.15
N ARG E 19 43.51 -37.02 0.58
CA ARG E 19 43.13 -35.61 0.59
C ARG E 19 43.11 -35.08 -0.83
N LEU E 20 41.92 -34.75 -1.33
CA LEU E 20 41.76 -34.11 -2.61
C LEU E 20 41.75 -32.61 -2.43
N SER E 21 42.43 -31.91 -3.34
CA SER E 21 42.63 -30.47 -3.23
C SER E 21 42.17 -29.79 -4.50
N CYS E 22 41.67 -28.57 -4.35
CA CYS E 22 41.12 -27.79 -5.45
C CYS E 22 41.73 -26.41 -5.40
N SER E 23 42.69 -26.14 -6.28
CA SER E 23 43.28 -24.82 -6.41
C SER E 23 42.34 -23.95 -7.24
N ALA E 24 41.95 -22.81 -6.67
CA ALA E 24 40.93 -21.93 -7.23
C ALA E 24 41.52 -20.58 -7.57
N SER E 25 41.05 -20.00 -8.68
CA SER E 25 41.58 -18.73 -9.13
C SER E 25 40.58 -18.09 -10.08
N GLY E 26 40.75 -16.78 -10.30
CA GLY E 26 39.95 -16.05 -11.26
C GLY E 26 38.59 -15.57 -10.78
N PHE E 27 38.35 -15.59 -9.48
CA PHE E 27 37.11 -15.05 -8.92
C PHE E 27 37.36 -14.84 -7.42
N ASP E 28 36.44 -14.12 -6.78
CA ASP E 28 36.49 -13.96 -5.34
C ASP E 28 36.33 -15.31 -4.65
N PHE E 29 37.45 -15.96 -4.36
CA PHE E 29 37.39 -17.27 -3.72
C PHE E 29 36.93 -17.17 -2.26
N ASP E 30 37.25 -16.06 -1.59
CA ASP E 30 37.03 -15.95 -0.16
C ASP E 30 35.55 -15.94 0.23
N ASN E 31 34.64 -15.82 -0.72
CA ASN E 31 33.21 -15.77 -0.43
C ASN E 31 32.38 -16.82 -1.17
N ALA E 32 32.93 -17.48 -2.18
CA ALA E 32 32.16 -18.37 -3.04
C ALA E 32 31.83 -19.68 -2.32
N TRP E 33 30.57 -20.09 -2.41
CA TRP E 33 30.18 -21.42 -1.96
C TRP E 33 30.83 -22.47 -2.85
N MET E 34 31.29 -23.57 -2.26
CA MET E 34 32.01 -24.60 -2.99
C MET E 34 31.36 -25.96 -2.79
N THR E 35 31.40 -26.79 -3.84
CA THR E 35 30.75 -28.09 -3.81
C THR E 35 31.63 -29.15 -4.44
N TRP E 36 31.68 -30.32 -3.81
CA TRP E 36 32.28 -31.49 -4.43
C TRP E 36 31.21 -32.32 -5.12
N VAL E 37 31.56 -32.89 -6.27
CA VAL E 37 30.68 -33.76 -7.03
C VAL E 37 31.53 -34.86 -7.66
N ARG E 38 31.20 -36.12 -7.40
CA ARG E 38 32.00 -37.20 -7.94
C ARG E 38 31.19 -38.03 -8.93
N GLN E 39 31.87 -38.57 -9.92
CA GLN E 39 31.27 -39.50 -10.87
C GLN E 39 31.96 -40.84 -10.77
N PRO E 40 31.31 -41.87 -10.24
CA PRO E 40 31.86 -43.21 -10.34
C PRO E 40 32.03 -43.60 -11.80
N PRO E 41 32.95 -44.51 -12.09
CA PRO E 41 33.15 -44.91 -13.50
C PRO E 41 31.91 -45.61 -14.02
N GLY E 42 31.40 -45.11 -15.15
CA GLY E 42 30.17 -45.62 -15.72
C GLY E 42 28.98 -45.39 -14.79
N LYS E 43 28.82 -44.16 -14.34
CA LYS E 43 27.71 -43.78 -13.48
C LYS E 43 27.40 -42.31 -13.72
N GLY E 44 26.41 -41.79 -13.01
CA GLY E 44 26.05 -40.38 -13.09
C GLY E 44 26.79 -39.56 -12.06
N LEU E 45 26.58 -38.25 -12.13
CA LEU E 45 27.16 -37.35 -11.14
C LEU E 45 26.45 -37.49 -9.81
N GLU E 46 27.21 -37.38 -8.73
CA GLU E 46 26.69 -37.47 -7.37
C GLU E 46 27.26 -36.32 -6.57
N TRP E 47 26.36 -35.45 -6.09
CA TRP E 47 26.74 -34.37 -5.19
C TRP E 47 27.28 -34.95 -3.89
N VAL E 48 28.51 -34.57 -3.55
CA VAL E 48 29.17 -35.05 -2.34
C VAL E 48 28.84 -34.14 -1.17
N GLY E 49 29.32 -32.90 -1.22
CA GLY E 49 29.07 -31.97 -0.14
C GLY E 49 29.34 -30.56 -0.59
N ARG E 50 28.92 -29.63 0.26
CA ARG E 50 29.02 -28.20 -0.01
C ARG E 50 29.35 -27.46 1.27
N ILE E 51 30.44 -26.70 1.27
CA ILE E 51 30.72 -25.77 2.36
C ILE E 51 30.17 -24.41 1.98
N THR E 52 29.59 -23.72 2.97
CA THR E 52 28.94 -22.45 2.74
C THR E 52 29.94 -21.33 2.52
N GLY E 53 29.54 -20.10 2.80
CA GLY E 53 30.43 -18.97 2.68
C GLY E 53 30.64 -18.29 4.02
N PRO E 54 31.09 -17.03 3.99
CA PRO E 54 31.34 -16.33 5.25
C PRO E 54 30.07 -15.97 6.00
N GLY E 55 28.99 -15.62 5.30
CA GLY E 55 27.79 -15.20 5.99
C GLY E 55 27.14 -16.30 6.80
N GLU E 56 27.42 -17.55 6.46
CA GLU E 56 26.76 -18.70 7.07
C GLU E 56 27.64 -19.40 8.10
N GLY E 57 28.80 -18.84 8.42
CA GLY E 57 29.66 -19.45 9.42
C GLY E 57 30.44 -20.65 8.96
N TRP E 58 30.61 -20.82 7.64
CA TRP E 58 31.37 -21.93 7.07
C TRP E 58 30.75 -23.28 7.43
N SER E 59 29.42 -23.31 7.42
CA SER E 59 28.70 -24.57 7.56
C SER E 59 28.96 -25.45 6.35
N VAL E 60 28.92 -26.76 6.57
CA VAL E 60 29.11 -27.74 5.51
C VAL E 60 27.98 -28.75 5.58
N ASP E 61 27.40 -29.07 4.43
CA ASP E 61 26.39 -30.12 4.34
C ASP E 61 26.92 -31.24 3.45
N TYR E 62 26.66 -32.47 3.86
CA TYR E 62 27.22 -33.66 3.22
C TYR E 62 26.13 -34.56 2.67
N ALA E 63 26.42 -35.23 1.56
CA ALA E 63 25.57 -36.32 1.13
C ALA E 63 25.58 -37.43 2.17
N GLU E 64 24.44 -38.10 2.32
CA GLU E 64 24.28 -39.06 3.42
C GLU E 64 25.28 -40.20 3.32
N SER E 65 25.49 -40.75 2.12
CA SER E 65 26.43 -41.84 1.92
C SER E 65 27.85 -41.49 2.32
N VAL E 66 28.13 -40.21 2.59
CA VAL E 66 29.48 -39.72 2.79
C VAL E 66 29.61 -39.13 4.20
N LYS E 67 28.49 -38.66 4.75
CA LYS E 67 28.48 -38.03 6.06
C LYS E 67 29.10 -38.94 7.12
N GLY E 68 30.01 -38.37 7.91
CA GLY E 68 30.73 -39.09 8.93
C GLY E 68 32.10 -39.58 8.49
N ARG E 69 32.35 -39.66 7.19
CA ARG E 69 33.60 -40.15 6.65
C ARG E 69 34.41 -39.10 5.89
N PHE E 70 33.77 -38.10 5.29
CA PHE E 70 34.45 -37.07 4.53
C PHE E 70 34.32 -35.73 5.25
N THR E 71 35.34 -34.89 5.07
CA THR E 71 35.39 -33.59 5.72
C THR E 71 35.85 -32.54 4.71
N ILE E 72 35.01 -31.54 4.47
CA ILE E 72 35.32 -30.45 3.54
C ILE E 72 35.85 -29.27 4.33
N SER E 73 36.84 -28.57 3.76
CA SER E 73 37.38 -27.38 4.40
C SER E 73 37.99 -26.48 3.33
N ARG E 74 38.55 -25.36 3.78
CA ARG E 74 39.01 -24.36 2.81
C ARG E 74 40.09 -23.48 3.42
N ASP E 75 41.05 -23.08 2.60
CA ASP E 75 42.03 -22.06 2.92
C ASP E 75 41.79 -20.91 1.95
N ASN E 76 41.10 -19.88 2.45
CA ASN E 76 40.83 -18.68 1.67
C ASN E 76 42.08 -17.87 1.41
N THR E 77 43.15 -18.13 2.16
CA THR E 77 44.43 -17.48 1.93
C THR E 77 45.20 -18.19 0.82
N LYS E 78 45.34 -19.51 0.93
CA LYS E 78 45.92 -20.32 -0.11
C LYS E 78 44.98 -20.54 -1.28
N ASN E 79 43.73 -20.10 -1.16
CA ASN E 79 42.72 -20.22 -2.21
C ASN E 79 42.56 -21.67 -2.67
N THR E 80 42.37 -22.58 -1.70
CA THR E 80 42.16 -23.98 -2.04
C THR E 80 41.04 -24.57 -1.22
N LEU E 81 40.33 -25.52 -1.84
CA LEU E 81 39.29 -26.31 -1.21
C LEU E 81 39.81 -27.71 -0.95
N TYR E 82 39.42 -28.29 0.19
CA TYR E 82 39.92 -29.60 0.60
C TYR E 82 38.78 -30.56 0.86
N LEU E 83 38.94 -31.79 0.38
CA LEU E 83 38.09 -32.92 0.73
C LEU E 83 38.97 -34.00 1.35
N GLU E 84 38.77 -34.26 2.64
CA GLU E 84 39.48 -35.31 3.36
C GLU E 84 38.59 -36.54 3.39
N MET E 85 39.03 -37.60 2.72
CA MET E 85 38.33 -38.87 2.67
C MET E 85 39.00 -39.83 3.65
N ASN E 86 38.24 -40.27 4.65
CA ASN E 86 38.74 -41.19 5.67
C ASN E 86 37.86 -42.43 5.73
N ASN E 87 38.47 -43.55 6.12
CA ASN E 87 37.84 -44.88 6.09
C ASN E 87 37.08 -45.08 4.78
N VAL E 88 37.80 -45.50 3.73
CA VAL E 88 37.24 -45.50 2.38
C VAL E 88 36.49 -46.79 2.10
N ARG E 89 35.37 -46.65 1.40
CA ARG E 89 34.67 -47.77 0.80
C ARG E 89 34.90 -47.76 -0.70
N THR E 90 34.92 -48.93 -1.32
CA THR E 90 35.15 -49.01 -2.75
C THR E 90 34.12 -48.20 -3.54
N GLU E 91 32.95 -47.94 -2.96
CA GLU E 91 31.95 -47.08 -3.61
C GLU E 91 32.57 -45.77 -4.05
N ASP E 92 33.37 -45.15 -3.20
CA ASP E 92 33.86 -43.79 -3.42
C ASP E 92 34.81 -43.68 -4.60
N THR E 93 35.05 -44.77 -5.33
CA THR E 93 35.79 -44.67 -6.58
C THR E 93 35.10 -43.70 -7.55
N GLY E 94 35.89 -43.08 -8.41
CA GLY E 94 35.38 -42.20 -9.43
C GLY E 94 36.17 -40.92 -9.49
N TYR E 95 35.81 -40.11 -10.47
CA TYR E 95 36.41 -38.78 -10.61
C TYR E 95 35.76 -37.80 -9.64
N TYR E 96 36.51 -36.79 -9.22
CA TYR E 96 36.06 -35.84 -8.20
C TYR E 96 36.24 -34.42 -8.73
N PHE E 97 35.16 -33.64 -8.70
CA PHE E 97 35.11 -32.30 -9.26
C PHE E 97 34.75 -31.30 -8.16
N CYS E 98 35.58 -30.26 -8.02
CA CYS E 98 35.15 -29.10 -7.25
C CYS E 98 34.44 -28.13 -8.18
N ALA E 99 33.40 -27.49 -7.65
CA ALA E 99 32.55 -26.63 -8.45
C ALA E 99 32.17 -25.39 -7.65
N ARG E 100 32.33 -24.24 -8.29
CA ARG E 100 31.84 -22.99 -7.72
C ARG E 100 30.32 -23.00 -7.77
N THR E 101 29.71 -22.73 -6.63
CA THR E 101 28.29 -22.99 -6.42
C THR E 101 27.53 -21.68 -6.32
N GLY E 102 26.91 -21.28 -7.42
CA GLY E 102 26.01 -20.15 -7.37
C GLY E 102 24.75 -20.47 -6.59
N LYS E 103 24.20 -19.44 -5.94
CA LYS E 103 22.96 -19.55 -5.18
C LYS E 103 21.85 -18.84 -5.94
N TYR E 104 20.64 -19.38 -5.85
CA TYR E 104 19.51 -18.83 -6.60
C TYR E 104 18.24 -18.88 -5.77
N TYR E 105 17.45 -17.81 -5.89
CA TYR E 105 16.14 -17.75 -5.24
C TYR E 105 15.36 -16.65 -5.95
N ASP E 106 14.36 -17.04 -6.75
CA ASP E 106 13.47 -16.05 -7.35
C ASP E 106 12.50 -15.55 -6.29
N PHE E 107 12.32 -14.23 -6.22
CA PHE E 107 11.60 -13.67 -5.09
C PHE E 107 10.15 -14.12 -5.04
N TRP E 108 9.52 -14.29 -6.20
CA TRP E 108 8.08 -14.52 -6.10
C TRP E 108 7.72 -16.00 -6.00
N SER E 109 8.37 -16.86 -6.77
CA SER E 109 8.04 -18.28 -6.72
C SER E 109 8.86 -19.05 -5.71
N GLY E 110 9.80 -18.41 -5.03
CA GLY E 110 10.81 -19.14 -4.28
C GLY E 110 10.26 -19.89 -3.08
N TYR E 111 11.15 -20.69 -2.49
CA TYR E 111 10.93 -21.47 -1.27
C TYR E 111 12.32 -21.71 -0.68
N PRO E 112 12.56 -21.28 0.55
CA PRO E 112 13.88 -21.49 1.15
C PRO E 112 14.23 -22.97 1.19
N PRO E 113 15.53 -23.31 1.10
CA PRO E 113 16.59 -22.31 0.94
C PRO E 113 17.03 -22.15 -0.51
N GLY E 114 16.13 -21.66 -1.35
CA GLY E 114 16.45 -21.50 -2.75
C GLY E 114 16.90 -22.80 -3.36
N GLU E 115 17.86 -22.71 -4.28
CA GLU E 115 18.43 -23.88 -4.92
C GLU E 115 19.78 -23.51 -5.50
N GLU E 116 20.80 -24.28 -5.18
CA GLU E 116 22.16 -24.00 -5.60
C GLU E 116 22.43 -24.62 -6.98
N TYR E 117 23.30 -23.96 -7.74
CA TYR E 117 23.71 -24.45 -9.05
C TYR E 117 25.23 -24.41 -9.12
N PHE E 118 25.77 -24.98 -10.20
CA PHE E 118 27.21 -25.22 -10.32
C PHE E 118 27.71 -24.66 -11.64
N GLN E 119 28.16 -23.40 -11.58
CA GLN E 119 28.55 -22.68 -12.78
C GLN E 119 29.89 -23.15 -13.33
N ASP E 120 30.89 -23.24 -12.46
CA ASP E 120 32.26 -23.51 -12.88
C ASP E 120 32.76 -24.79 -12.26
N TRP E 121 33.38 -25.64 -13.07
CA TRP E 121 33.86 -26.95 -12.64
C TRP E 121 35.35 -27.08 -12.90
N GLY E 122 35.99 -27.94 -12.11
CA GLY E 122 37.30 -28.44 -12.45
C GLY E 122 37.18 -29.56 -13.47
N GLN E 123 38.32 -30.15 -13.81
CA GLN E 123 38.32 -31.25 -14.76
C GLN E 123 38.24 -32.62 -14.09
N GLY E 124 38.34 -32.69 -12.77
CA GLY E 124 38.25 -33.94 -12.05
C GLY E 124 39.58 -34.38 -11.49
N THR E 125 39.54 -35.48 -10.75
CA THR E 125 40.73 -36.16 -10.27
C THR E 125 40.31 -37.56 -9.85
N LEU E 126 41.01 -38.57 -10.37
CA LEU E 126 40.54 -39.95 -10.26
C LEU E 126 41.02 -40.57 -8.96
N VAL E 127 40.07 -41.01 -8.15
CA VAL E 127 40.34 -41.79 -6.95
C VAL E 127 39.87 -43.21 -7.20
N ILE E 128 40.80 -44.17 -7.12
CA ILE E 128 40.48 -45.58 -7.23
C ILE E 128 40.65 -46.20 -5.86
N VAL E 129 39.70 -47.06 -5.50
CA VAL E 129 39.65 -47.69 -4.18
C VAL E 129 39.40 -49.17 -4.37
N SER E 130 40.47 -49.96 -4.33
CA SER E 130 40.36 -51.41 -4.45
C SER E 130 41.51 -52.03 -3.68
N SER E 131 41.28 -53.26 -3.19
CA SER E 131 42.33 -53.98 -2.49
C SER E 131 43.39 -54.53 -3.43
N ALA E 132 43.06 -54.69 -4.71
CA ALA E 132 43.97 -55.29 -5.68
C ALA E 132 45.31 -54.56 -5.70
N SER E 133 46.39 -55.33 -5.63
CA SER E 133 47.73 -54.80 -5.80
C SER E 133 48.08 -54.78 -7.28
N THR E 134 49.27 -54.30 -7.60
CA THR E 134 49.74 -54.30 -8.98
C THR E 134 49.81 -55.73 -9.50
N LYS E 135 49.72 -55.88 -10.83
CA LYS E 135 49.81 -57.19 -11.47
C LYS E 135 49.90 -57.08 -12.99
N GLY E 136 50.87 -57.77 -13.58
CA GLY E 136 50.99 -57.84 -15.03
C GLY E 136 49.89 -58.68 -15.65
N PRO E 137 49.77 -58.63 -16.97
CA PRO E 137 48.67 -59.32 -17.63
C PRO E 137 49.06 -60.63 -18.28
N SER E 138 48.17 -61.62 -18.22
CA SER E 138 48.32 -62.82 -19.03
C SER E 138 47.79 -62.52 -20.43
N VAL E 139 48.56 -62.83 -21.45
CA VAL E 139 48.21 -62.47 -22.82
C VAL E 139 47.93 -63.75 -23.59
N PHE E 140 46.66 -63.99 -23.91
CA PHE E 140 46.31 -65.19 -24.64
C PHE E 140 45.86 -64.83 -26.06
N PRO E 141 46.01 -65.74 -27.03
CA PRO E 141 45.74 -65.37 -28.42
C PRO E 141 44.34 -65.73 -28.89
N LEU E 142 43.73 -64.81 -29.63
CA LEU E 142 42.41 -65.01 -30.24
C LEU E 142 42.65 -65.41 -31.69
N ALA E 143 42.69 -66.73 -31.91
CA ALA E 143 43.20 -67.29 -33.16
C ALA E 143 42.09 -67.36 -34.20
N PRO E 144 42.33 -66.91 -35.43
CA PRO E 144 41.27 -66.90 -36.44
C PRO E 144 40.85 -68.31 -36.83
N SER E 145 39.60 -68.41 -37.28
CA SER E 145 39.02 -69.66 -37.77
C SER E 145 38.02 -69.33 -38.87
N SER E 146 37.24 -70.32 -39.27
CA SER E 146 36.17 -70.08 -40.23
C SER E 146 35.04 -69.25 -39.64
N LYS E 147 34.93 -69.20 -38.30
CA LYS E 147 33.97 -68.32 -37.63
C LYS E 147 34.47 -66.88 -37.56
N SER E 148 35.73 -66.62 -37.89
CA SER E 148 36.30 -65.28 -37.89
C SER E 148 36.60 -64.76 -39.29
N THR E 149 36.56 -65.62 -40.31
CA THR E 149 36.78 -65.17 -41.68
C THR E 149 35.49 -64.60 -42.27
N SER E 150 35.62 -63.46 -42.96
CA SER E 150 34.50 -62.79 -43.59
C SER E 150 34.68 -62.79 -45.11
N GLY E 151 34.72 -63.97 -45.72
CA GLY E 151 34.97 -64.06 -47.15
C GLY E 151 36.33 -63.52 -47.53
N GLY E 152 36.45 -62.19 -47.57
CA GLY E 152 37.69 -61.56 -47.99
C GLY E 152 38.52 -61.00 -46.85
N THR E 153 37.92 -60.87 -45.67
CA THR E 153 38.61 -60.34 -44.49
C THR E 153 38.37 -61.25 -43.30
N ALA E 154 39.36 -61.29 -42.40
CA ALA E 154 39.29 -62.10 -41.20
C ALA E 154 39.84 -61.30 -40.03
N ALA E 155 39.36 -61.59 -38.83
CA ALA E 155 39.68 -60.81 -37.64
C ALA E 155 40.35 -61.68 -36.60
N LEU E 156 41.55 -61.30 -36.17
CA LEU E 156 42.28 -62.04 -35.15
C LEU E 156 42.78 -61.08 -34.07
N GLY E 157 42.96 -61.60 -32.86
CA GLY E 157 43.28 -60.66 -31.80
C GLY E 157 44.09 -61.16 -30.63
N CYS E 158 44.15 -60.33 -29.58
CA CYS E 158 44.87 -60.63 -28.35
C CYS E 158 44.00 -60.30 -27.15
N LEU E 159 43.83 -61.28 -26.26
CA LEU E 159 43.13 -61.10 -25.00
C LEU E 159 44.16 -60.75 -23.93
N VAL E 160 44.12 -59.51 -23.45
CA VAL E 160 44.98 -59.03 -22.38
C VAL E 160 44.18 -59.15 -21.10
N LYS E 161 44.42 -60.22 -20.35
CA LYS E 161 43.53 -60.64 -19.27
C LYS E 161 44.20 -60.52 -17.91
N ASP E 162 43.39 -60.14 -16.92
CA ASP E 162 43.78 -60.06 -15.51
C ASP E 162 45.03 -59.21 -15.28
N TYR E 163 44.86 -57.89 -15.22
CA TYR E 163 45.93 -56.97 -14.91
C TYR E 163 45.39 -55.85 -14.04
N PHE E 164 46.31 -55.10 -13.45
CA PHE E 164 45.99 -54.00 -12.54
C PHE E 164 47.23 -53.17 -12.28
N PRO E 165 47.12 -51.84 -12.25
CA PRO E 165 45.91 -51.11 -12.62
C PRO E 165 45.94 -50.68 -14.08
N GLU E 166 44.90 -49.99 -14.54
CA GLU E 166 44.86 -49.42 -15.87
C GLU E 166 46.07 -48.53 -16.09
N PRO E 167 46.56 -48.37 -17.34
CA PRO E 167 46.09 -49.02 -18.56
C PRO E 167 47.09 -49.99 -19.17
N VAL E 168 46.64 -50.82 -20.09
CA VAL E 168 47.53 -51.54 -20.99
C VAL E 168 47.42 -50.90 -22.37
N THR E 169 48.49 -50.99 -23.14
CA THR E 169 48.54 -50.44 -24.49
C THR E 169 48.97 -51.54 -25.44
N VAL E 170 48.03 -52.02 -26.24
CA VAL E 170 48.32 -52.99 -27.29
C VAL E 170 48.64 -52.23 -28.56
N SER E 171 49.56 -52.78 -29.34
CA SER E 171 49.76 -52.38 -30.73
C SER E 171 49.83 -53.67 -31.55
N TRP E 172 50.25 -53.57 -32.80
CA TRP E 172 50.35 -54.76 -33.62
C TRP E 172 51.57 -54.65 -34.55
N ASN E 173 52.27 -55.77 -34.69
CA ASN E 173 53.52 -55.85 -35.43
C ASN E 173 54.44 -54.67 -35.12
N SER E 174 54.56 -54.36 -33.82
CA SER E 174 55.39 -53.25 -33.33
C SER E 174 54.97 -51.91 -33.96
N GLY E 175 53.66 -51.71 -34.10
CA GLY E 175 53.17 -50.48 -34.68
C GLY E 175 53.18 -50.44 -36.20
N ALA E 176 53.46 -51.55 -36.87
CA ALA E 176 53.35 -51.59 -38.32
C ALA E 176 51.89 -51.52 -38.75
N LEU E 177 51.04 -52.33 -38.13
CA LEU E 177 49.62 -52.33 -38.44
C LEU E 177 48.95 -51.16 -37.73
N THR E 178 48.38 -50.24 -38.51
CA THR E 178 47.41 -49.28 -38.01
C THR E 178 46.00 -49.65 -38.45
N SER E 179 45.78 -49.75 -39.77
CA SER E 179 44.48 -50.12 -40.30
C SER E 179 44.15 -51.56 -39.92
N GLY E 180 42.89 -51.81 -39.58
CA GLY E 180 42.42 -53.08 -39.09
C GLY E 180 42.37 -53.16 -37.58
N VAL E 181 43.18 -52.37 -36.88
CA VAL E 181 43.33 -52.50 -35.44
C VAL E 181 42.24 -51.74 -34.72
N HIS E 182 41.61 -52.40 -33.75
CA HIS E 182 40.75 -51.75 -32.76
C HIS E 182 41.04 -52.44 -31.44
N THR E 183 41.67 -51.72 -30.53
CA THR E 183 41.88 -52.20 -29.18
C THR E 183 40.78 -51.62 -28.30
N PHE E 184 40.11 -52.47 -27.58
CA PHE E 184 38.88 -52.06 -26.94
C PHE E 184 39.14 -51.37 -25.61
N PRO E 185 38.17 -50.65 -25.08
CA PRO E 185 38.24 -50.26 -23.67
C PRO E 185 38.20 -51.50 -22.80
N ALA E 186 39.06 -51.50 -21.78
CA ALA E 186 39.14 -52.67 -20.92
C ALA E 186 37.91 -52.78 -20.04
N VAL E 187 37.46 -54.02 -19.84
CA VAL E 187 36.45 -54.28 -18.84
C VAL E 187 37.19 -54.58 -17.54
N LEU E 188 36.47 -54.54 -16.42
CA LEU E 188 37.03 -54.83 -15.11
C LEU E 188 36.23 -55.97 -14.49
N GLN E 189 36.93 -56.99 -14.01
CA GLN E 189 36.31 -58.17 -13.43
C GLN E 189 36.22 -58.03 -11.92
N SER E 190 35.36 -58.86 -11.32
CA SER E 190 35.18 -58.84 -9.87
C SER E 190 36.42 -59.33 -9.12
N SER E 191 37.43 -59.85 -9.83
CA SER E 191 38.75 -60.06 -9.24
C SER E 191 39.47 -58.75 -8.95
N GLY E 192 38.86 -57.61 -9.26
CA GLY E 192 39.55 -56.34 -9.17
C GLY E 192 40.61 -56.14 -10.23
N LEU E 193 40.57 -56.95 -11.30
CA LEU E 193 41.57 -56.90 -12.36
C LEU E 193 40.90 -56.62 -13.70
N TYR E 194 41.62 -55.92 -14.57
CA TYR E 194 41.10 -55.55 -15.87
C TYR E 194 41.42 -56.60 -16.92
N SER E 195 40.75 -56.50 -18.05
CA SER E 195 41.04 -57.36 -19.20
C SER E 195 40.46 -56.67 -20.43
N LEU E 196 41.31 -56.28 -21.37
CA LEU E 196 40.82 -55.79 -22.64
C LEU E 196 41.12 -56.79 -23.74
N SER E 197 40.62 -56.48 -24.93
CA SER E 197 40.99 -57.19 -26.13
C SER E 197 41.50 -56.18 -27.15
N SER E 198 42.29 -56.69 -28.09
CA SER E 198 42.63 -55.96 -29.28
C SER E 198 42.38 -56.88 -30.46
N VAL E 199 41.89 -56.33 -31.57
CA VAL E 199 41.63 -57.15 -32.75
C VAL E 199 42.04 -56.39 -34.00
N VAL E 200 42.71 -57.07 -34.91
CA VAL E 200 43.03 -56.53 -36.22
C VAL E 200 42.31 -57.35 -37.28
N THR E 201 41.77 -56.64 -38.27
CA THR E 201 41.10 -57.24 -39.42
C THR E 201 42.00 -57.12 -40.64
N VAL E 202 42.16 -58.22 -41.36
CA VAL E 202 43.21 -58.35 -42.37
C VAL E 202 42.75 -59.32 -43.46
N PRO E 203 43.49 -59.49 -44.56
CA PRO E 203 43.08 -60.47 -45.57
C PRO E 203 42.84 -61.87 -45.02
N SER E 204 41.73 -62.49 -45.43
CA SER E 204 41.47 -63.90 -45.15
C SER E 204 42.44 -64.82 -45.88
N SER E 205 43.19 -64.32 -46.87
CA SER E 205 44.22 -65.08 -47.56
C SER E 205 45.56 -65.08 -46.82
N SER E 206 45.92 -63.96 -46.16
CA SER E 206 47.17 -63.84 -45.43
C SER E 206 47.28 -64.79 -44.24
N LEU E 207 46.24 -65.56 -43.92
CA LEU E 207 46.33 -66.55 -42.84
C LEU E 207 47.13 -67.76 -43.28
N GLY E 208 47.93 -68.32 -42.37
CA GLY E 208 48.75 -69.48 -42.66
C GLY E 208 50.20 -69.21 -42.99
N THR E 209 50.57 -67.94 -43.18
CA THR E 209 51.94 -67.59 -43.54
C THR E 209 52.36 -66.26 -42.94
N GLN E 210 51.52 -65.24 -43.06
CA GLN E 210 51.91 -63.88 -42.69
C GLN E 210 52.02 -63.74 -41.17
N THR E 211 52.94 -62.86 -40.76
CA THR E 211 53.34 -62.74 -39.36
C THR E 211 52.52 -61.64 -38.69
N TYR E 212 51.65 -62.03 -37.76
CA TYR E 212 50.84 -61.09 -36.99
C TYR E 212 51.24 -61.16 -35.53
N ILE E 213 51.68 -60.02 -34.99
CA ILE E 213 52.20 -59.93 -33.63
C ILE E 213 51.53 -58.74 -32.95
N CYS E 214 51.08 -58.96 -31.72
CA CYS E 214 50.58 -57.88 -30.87
C CYS E 214 51.58 -57.62 -29.76
N ASN E 215 51.76 -56.34 -29.43
CA ASN E 215 52.78 -55.87 -28.50
C ASN E 215 52.07 -55.22 -27.31
N VAL E 216 51.68 -56.04 -26.34
CA VAL E 216 51.08 -55.51 -25.13
C VAL E 216 52.13 -54.75 -24.32
N ASN E 217 51.66 -53.83 -23.48
CA ASN E 217 52.56 -52.99 -22.69
C ASN E 217 51.79 -52.50 -21.48
N HIS E 218 52.35 -52.74 -20.28
CA HIS E 218 51.70 -52.42 -19.01
C HIS E 218 52.72 -51.78 -18.08
N LYS E 219 52.96 -50.48 -18.28
CA LYS E 219 53.91 -49.74 -17.44
C LYS E 219 53.66 -49.87 -15.94
N PRO E 220 52.41 -49.84 -15.43
CA PRO E 220 52.23 -49.94 -13.97
C PRO E 220 52.90 -51.14 -13.31
N SER E 221 53.12 -52.23 -14.03
CA SER E 221 53.91 -53.35 -13.53
C SER E 221 55.14 -53.62 -14.39
N ASN E 222 55.44 -52.73 -15.34
CA ASN E 222 56.65 -52.81 -16.17
C ASN E 222 56.75 -54.12 -16.95
N THR E 223 55.61 -54.67 -17.35
CA THR E 223 55.56 -55.84 -18.21
C THR E 223 55.55 -55.41 -19.67
N LYS E 224 55.96 -56.34 -20.54
CA LYS E 224 55.95 -56.09 -21.99
C LYS E 224 55.86 -57.45 -22.69
N VAL E 225 54.64 -57.91 -22.93
CA VAL E 225 54.41 -59.19 -23.58
C VAL E 225 54.22 -58.96 -25.08
N ASP E 226 55.00 -59.67 -25.89
CA ASP E 226 54.87 -59.68 -27.33
C ASP E 226 54.44 -61.08 -27.76
N LYS E 227 53.44 -61.16 -28.65
CA LYS E 227 52.88 -62.47 -28.94
C LYS E 227 52.47 -62.56 -30.42
N LYS E 228 52.75 -63.72 -31.02
CA LYS E 228 52.31 -64.02 -32.38
C LYS E 228 50.99 -64.76 -32.36
N VAL E 229 50.14 -64.46 -33.34
CA VAL E 229 48.86 -65.14 -33.53
C VAL E 229 48.91 -65.91 -34.84
N GLU E 230 48.61 -67.21 -34.76
CA GLU E 230 48.58 -68.09 -35.93
C GLU E 230 47.41 -69.05 -35.76
N PRO E 231 46.71 -69.38 -36.86
CA PRO E 231 45.46 -70.16 -36.87
C PRO E 231 45.47 -71.38 -35.96
N SER F 1 17.77 -41.50 -5.51
CA SER F 1 17.50 -40.51 -6.55
C SER F 1 16.06 -40.04 -6.48
N GLU F 2 15.80 -38.98 -5.70
CA GLU F 2 14.49 -38.33 -5.75
C GLU F 2 14.26 -37.66 -7.11
N LEU F 3 15.34 -37.25 -7.78
CA LEU F 3 15.27 -36.71 -9.12
C LEU F 3 15.39 -37.85 -10.12
N THR F 4 14.42 -37.95 -11.03
CA THR F 4 14.31 -39.09 -11.94
C THR F 4 14.31 -38.60 -13.38
N GLN F 5 15.16 -39.20 -14.21
CA GLN F 5 15.18 -38.96 -15.64
C GLN F 5 14.97 -40.27 -16.39
N ASP F 6 14.60 -40.15 -17.64
CA ASP F 6 14.67 -41.30 -18.53
C ASP F 6 16.13 -41.52 -18.92
N PRO F 7 16.63 -42.75 -18.85
CA PRO F 7 18.09 -42.96 -18.97
C PRO F 7 18.66 -42.54 -20.32
N ALA F 8 17.99 -42.87 -21.41
CA ALA F 8 18.49 -42.51 -22.74
C ALA F 8 17.33 -42.02 -23.59
N VAL F 9 17.65 -41.12 -24.52
CA VAL F 9 16.69 -40.57 -25.47
C VAL F 9 17.49 -39.96 -26.61
N SER F 10 16.98 -40.09 -27.82
CA SER F 10 17.70 -39.63 -28.99
C SER F 10 16.85 -38.62 -29.76
N VAL F 11 17.42 -38.10 -30.84
CA VAL F 11 16.74 -37.15 -31.72
C VAL F 11 17.54 -37.03 -33.02
N ALA F 12 16.84 -36.81 -34.13
CA ALA F 12 17.52 -36.61 -35.40
C ALA F 12 18.12 -35.20 -35.44
N LEU F 13 19.04 -35.00 -36.38
CA LEU F 13 19.76 -33.74 -36.47
C LEU F 13 18.82 -32.62 -36.88
N LYS F 14 19.09 -31.42 -36.35
CA LYS F 14 18.34 -30.18 -36.57
C LYS F 14 16.91 -30.26 -36.07
N GLN F 15 16.54 -31.32 -35.36
CA GLN F 15 15.21 -31.42 -34.78
C GLN F 15 15.23 -30.83 -33.36
N THR F 16 14.25 -31.18 -32.55
CA THR F 16 14.11 -30.62 -31.22
C THR F 16 13.75 -31.74 -30.25
N VAL F 17 14.42 -31.77 -29.10
CA VAL F 17 14.19 -32.82 -28.11
C VAL F 17 14.12 -32.20 -26.73
N THR F 18 13.48 -32.91 -25.81
CA THR F 18 13.31 -32.43 -24.45
C THR F 18 13.55 -33.55 -23.46
N ILE F 19 14.44 -33.31 -22.51
CA ILE F 19 14.73 -34.24 -21.42
C ILE F 19 13.92 -33.81 -20.21
N THR F 20 13.26 -34.77 -19.57
CA THR F 20 12.35 -34.46 -18.48
C THR F 20 12.79 -35.15 -17.19
N CYS F 21 12.94 -34.36 -16.14
CA CYS F 21 13.31 -34.76 -14.80
C CYS F 21 12.08 -34.65 -13.89
N ARG F 22 11.98 -35.54 -12.90
CA ARG F 22 10.79 -35.61 -12.06
C ARG F 22 11.15 -35.93 -10.61
N GLY F 23 10.35 -35.41 -9.69
CA GLY F 23 10.56 -35.65 -8.28
C GLY F 23 9.80 -34.67 -7.42
N ASP F 24 9.64 -35.04 -6.14
CA ASP F 24 8.88 -34.22 -5.20
C ASP F 24 9.46 -32.81 -5.09
N SER F 25 10.75 -32.72 -4.73
CA SER F 25 11.38 -31.42 -4.51
C SER F 25 11.20 -30.49 -5.70
N LEU F 26 11.09 -31.04 -6.90
CA LEU F 26 10.94 -30.24 -8.11
C LEU F 26 9.69 -29.35 -8.08
N ARG F 27 8.68 -29.69 -7.28
CA ARG F 27 7.51 -28.81 -7.19
C ARG F 27 7.82 -27.54 -6.42
N SER F 28 8.75 -27.61 -5.45
CA SER F 28 9.02 -26.48 -4.56
C SER F 28 10.37 -25.83 -4.83
N HIS F 29 11.20 -26.41 -5.69
CA HIS F 29 12.51 -25.85 -6.00
C HIS F 29 12.75 -25.97 -7.49
N TYR F 30 13.53 -25.02 -8.02
CA TYR F 30 13.92 -25.07 -9.42
C TYR F 30 15.04 -26.09 -9.62
N ALA F 31 15.55 -26.17 -10.84
CA ALA F 31 16.58 -27.13 -11.19
C ALA F 31 17.74 -26.41 -11.85
N SER F 32 18.72 -27.20 -12.30
CA SER F 32 19.85 -26.72 -13.07
C SER F 32 20.23 -27.85 -14.00
N TRP F 33 20.56 -27.50 -15.25
CA TRP F 33 20.83 -28.50 -16.26
C TRP F 33 22.30 -28.47 -16.66
N TYR F 34 22.92 -29.64 -16.68
CA TYR F 34 24.35 -29.77 -16.90
C TYR F 34 24.60 -30.74 -18.04
N GLN F 35 25.40 -30.29 -19.01
CA GLN F 35 25.91 -31.16 -20.05
C GLN F 35 27.22 -31.78 -19.61
N LYS F 36 27.46 -33.01 -20.04
CA LYS F 36 28.65 -33.74 -19.61
C LYS F 36 29.06 -34.69 -20.72
N LYS F 37 30.21 -34.41 -21.34
CA LYS F 37 30.89 -35.29 -22.27
C LYS F 37 31.96 -36.08 -21.53
N PRO F 38 32.36 -37.24 -22.06
CA PRO F 38 33.36 -38.06 -21.35
C PRO F 38 34.68 -37.30 -21.21
N GLY F 39 35.26 -37.38 -20.01
CA GLY F 39 36.51 -36.72 -19.74
C GLY F 39 36.35 -35.22 -19.50
N GLN F 40 35.47 -34.59 -20.27
CA GLN F 40 35.23 -33.16 -20.16
C GLN F 40 34.35 -32.85 -18.95
N ALA F 41 34.49 -31.64 -18.42
CA ALA F 41 33.81 -31.26 -17.21
C ALA F 41 32.33 -31.00 -17.48
N PRO F 42 31.50 -31.03 -16.43
CA PRO F 42 30.10 -30.63 -16.60
C PRO F 42 29.98 -29.17 -17.00
N VAL F 43 28.93 -28.88 -17.77
CA VAL F 43 28.69 -27.55 -18.30
C VAL F 43 27.31 -27.11 -17.83
N LEU F 44 27.25 -26.08 -17.00
CA LEU F 44 25.96 -25.50 -16.65
C LEU F 44 25.28 -25.01 -17.91
N LEU F 45 24.00 -25.36 -18.07
CA LEU F 45 23.23 -24.98 -19.24
C LEU F 45 22.03 -24.09 -18.93
N PHE F 46 21.49 -24.14 -17.71
CA PHE F 46 20.30 -23.40 -17.34
C PHE F 46 20.04 -23.64 -15.86
N TYR F 47 19.26 -22.75 -15.25
CA TYR F 47 18.78 -22.91 -13.90
C TYR F 47 17.63 -21.94 -13.67
N GLY F 48 17.00 -22.08 -12.49
CA GLY F 48 15.97 -21.21 -11.97
C GLY F 48 14.77 -20.99 -12.89
N LYS F 49 14.17 -19.81 -12.72
CA LYS F 49 12.98 -19.45 -13.49
C LYS F 49 13.28 -19.34 -14.97
N ASN F 50 14.19 -18.42 -15.35
CA ASN F 50 14.61 -18.28 -16.75
C ASN F 50 15.99 -17.62 -16.75
N ASN F 51 17.00 -18.40 -16.38
CA ASN F 51 18.39 -17.95 -16.36
C ASN F 51 19.19 -18.87 -17.27
N ARG F 52 19.69 -18.32 -18.38
CA ARG F 52 20.63 -19.02 -19.25
C ARG F 52 21.97 -18.29 -19.20
N PRO F 53 22.96 -18.82 -18.50
CA PRO F 53 24.25 -18.12 -18.38
C PRO F 53 24.88 -17.84 -19.73
N SER F 54 25.70 -16.79 -19.77
CA SER F 54 26.30 -16.33 -21.01
C SER F 54 27.18 -17.41 -21.62
N GLY F 55 27.15 -17.50 -22.96
CA GLY F 55 27.94 -18.48 -23.68
C GLY F 55 27.13 -19.67 -24.12
N ILE F 56 26.21 -20.13 -23.27
CA ILE F 56 25.31 -21.23 -23.60
C ILE F 56 24.41 -20.77 -24.74
N PRO F 57 24.42 -21.46 -25.88
CA PRO F 57 23.64 -20.99 -27.02
C PRO F 57 22.17 -20.85 -26.70
N ASP F 58 21.48 -20.05 -27.52
CA ASP F 58 20.07 -19.73 -27.28
C ASP F 58 19.19 -20.96 -27.29
N ARG F 59 19.62 -22.04 -27.95
CA ARG F 59 18.83 -23.24 -28.19
C ARG F 59 18.53 -24.04 -26.92
N PHE F 60 19.21 -23.78 -25.82
CA PHE F 60 19.00 -24.50 -24.57
C PHE F 60 18.04 -23.71 -23.69
N SER F 61 16.98 -24.37 -23.23
CA SER F 61 15.96 -23.65 -22.46
C SER F 61 15.34 -24.53 -21.40
N GLY F 62 15.30 -24.04 -20.15
CA GLY F 62 14.70 -24.79 -19.07
C GLY F 62 13.22 -24.51 -18.89
N SER F 63 12.51 -25.48 -18.30
CA SER F 63 11.08 -25.39 -18.08
C SER F 63 10.73 -26.12 -16.80
N ALA F 64 9.65 -25.67 -16.14
CA ALA F 64 9.24 -26.24 -14.87
C ALA F 64 7.73 -26.21 -14.74
N SER F 65 7.18 -27.26 -14.16
CA SER F 65 5.76 -27.31 -13.86
C SER F 65 5.56 -28.33 -12.75
N GLY F 66 4.29 -28.48 -12.34
CA GLY F 66 3.83 -29.42 -11.33
C GLY F 66 4.89 -30.04 -10.44
N ASN F 67 5.37 -31.21 -10.82
CA ASN F 67 6.54 -31.81 -10.18
C ASN F 67 7.64 -32.15 -11.18
N ARG F 68 7.55 -31.66 -12.41
CA ARG F 68 8.49 -31.98 -13.46
C ARG F 68 9.27 -30.73 -13.89
N ALA F 69 10.45 -31.00 -14.45
CA ALA F 69 11.25 -29.96 -15.09
C ALA F 69 11.79 -30.56 -16.38
N SER F 70 12.25 -29.69 -17.29
CA SER F 70 12.65 -30.18 -18.59
C SER F 70 13.70 -29.25 -19.21
N LEU F 71 14.68 -29.85 -19.86
CA LEU F 71 15.61 -29.13 -20.71
C LEU F 71 15.19 -29.31 -22.17
N THR F 72 15.07 -28.20 -22.88
CA THR F 72 14.64 -28.18 -24.27
C THR F 72 15.85 -27.82 -25.13
N ILE F 73 16.19 -28.72 -26.04
CA ILE F 73 17.23 -28.51 -27.04
C ILE F 73 16.53 -28.29 -28.37
N THR F 74 16.66 -27.07 -28.89
CA THR F 74 16.04 -26.68 -30.16
C THR F 74 17.10 -26.68 -31.24
N GLY F 75 16.86 -27.43 -32.31
CA GLY F 75 17.85 -27.56 -33.35
C GLY F 75 19.00 -28.43 -32.91
N ALA F 76 18.80 -29.74 -32.94
CA ALA F 76 19.82 -30.67 -32.49
C ALA F 76 21.08 -30.55 -33.33
N GLN F 77 22.23 -30.73 -32.68
CA GLN F 77 23.51 -30.73 -33.37
C GLN F 77 24.34 -31.91 -32.85
N ALA F 78 25.30 -32.35 -33.68
CA ALA F 78 26.11 -33.50 -33.32
C ALA F 78 26.96 -33.24 -32.07
N GLU F 79 27.32 -31.97 -31.83
CA GLU F 79 28.05 -31.60 -30.61
C GLU F 79 27.14 -31.41 -29.41
N ASP F 80 25.95 -32.01 -29.43
CA ASP F 80 25.10 -32.12 -28.26
C ASP F 80 24.92 -33.56 -27.79
N GLU F 81 25.33 -34.54 -28.59
CA GLU F 81 25.42 -35.93 -28.18
C GLU F 81 26.24 -36.04 -26.89
N ALA F 82 25.57 -36.04 -25.75
CA ALA F 82 26.26 -35.99 -24.46
C ALA F 82 25.35 -36.57 -23.39
N ASP F 83 25.75 -36.44 -22.13
CA ASP F 83 24.90 -36.73 -20.99
C ASP F 83 24.34 -35.43 -20.42
N TYR F 84 23.13 -35.50 -19.89
CA TYR F 84 22.45 -34.32 -19.37
C TYR F 84 21.86 -34.64 -18.01
N TYR F 85 22.14 -33.78 -17.03
CA TYR F 85 21.74 -34.01 -15.66
C TYR F 85 20.95 -32.83 -15.13
N CYS F 86 19.81 -33.12 -14.50
CA CYS F 86 19.09 -32.16 -13.68
C CYS F 86 19.70 -32.13 -12.29
N SER F 87 19.54 -30.99 -11.62
CA SER F 87 20.09 -30.85 -10.27
C SER F 87 19.18 -29.93 -9.46
N SER F 88 18.83 -30.37 -8.26
CA SER F 88 17.97 -29.56 -7.40
C SER F 88 18.18 -29.99 -5.96
N ARG F 89 17.17 -29.77 -5.12
CA ARG F 89 17.23 -30.27 -3.75
C ARG F 89 16.77 -31.73 -3.71
N ASP F 90 17.17 -32.43 -2.63
CA ASP F 90 16.70 -33.79 -2.46
C ASP F 90 15.26 -33.83 -1.96
N LYS F 91 14.97 -33.01 -0.96
CA LYS F 91 13.62 -32.81 -0.44
C LYS F 91 13.30 -31.32 -0.48
N SER F 92 12.04 -31.00 -0.22
CA SER F 92 11.62 -29.60 -0.19
C SER F 92 12.18 -28.93 1.06
N GLY F 93 13.04 -27.93 0.87
CA GLY F 93 13.57 -27.16 1.98
C GLY F 93 14.88 -27.64 2.54
N SER F 94 15.66 -28.40 1.78
CA SER F 94 16.92 -28.93 2.27
C SER F 94 18.09 -28.14 1.67
N ARG F 95 19.17 -28.04 2.46
CA ARG F 95 20.40 -27.48 1.92
C ARG F 95 21.14 -28.50 1.07
N LEU F 96 20.89 -29.79 1.30
CA LEU F 96 21.50 -30.84 0.48
C LEU F 96 20.99 -30.76 -0.95
N SER F 97 21.91 -30.78 -1.90
CA SER F 97 21.57 -30.81 -3.32
C SER F 97 21.79 -32.22 -3.87
N VAL F 98 21.24 -32.47 -5.05
CA VAL F 98 21.16 -33.82 -5.60
C VAL F 98 21.03 -33.74 -7.11
N PHE F 99 21.65 -34.68 -7.80
CA PHE F 99 21.57 -34.83 -9.25
C PHE F 99 20.59 -35.93 -9.63
N GLY F 100 20.13 -35.88 -10.87
CA GLY F 100 19.31 -36.93 -11.42
C GLY F 100 20.14 -38.07 -11.97
N GLY F 101 19.44 -39.07 -12.50
CA GLY F 101 20.14 -40.21 -13.07
C GLY F 101 20.97 -39.86 -14.28
N GLY F 102 20.56 -38.85 -15.03
CA GLY F 102 21.24 -38.49 -16.26
C GLY F 102 20.54 -39.09 -17.47
N THR F 103 20.69 -38.42 -18.60
CA THR F 103 20.03 -38.84 -19.83
C THR F 103 21.02 -38.82 -20.98
N LYS F 104 21.17 -39.96 -21.65
CA LYS F 104 22.11 -40.10 -22.75
C LYS F 104 21.43 -39.67 -24.04
N LEU F 105 21.91 -38.57 -24.63
CA LEU F 105 21.36 -38.07 -25.88
C LEU F 105 22.19 -38.58 -27.05
N THR F 106 21.56 -39.36 -27.92
CA THR F 106 22.13 -39.68 -29.21
C THR F 106 21.59 -38.69 -30.24
N VAL F 107 22.48 -38.10 -31.02
CA VAL F 107 22.07 -37.22 -32.11
C VAL F 107 22.23 -38.04 -33.37
N LEU F 108 21.12 -38.65 -33.81
CA LEU F 108 21.13 -39.51 -34.99
C LEU F 108 21.70 -38.79 -36.20
N SER F 109 23.01 -38.93 -36.42
CA SER F 109 23.70 -38.30 -37.53
C SER F 109 24.30 -39.32 -38.49
N GLN F 110 23.97 -40.59 -38.33
CA GLN F 110 24.44 -41.66 -39.21
C GLN F 110 23.29 -42.64 -39.42
N PRO F 111 23.25 -43.32 -40.56
CA PRO F 111 22.20 -44.32 -40.78
C PRO F 111 22.44 -45.56 -39.92
N LYS F 112 21.34 -46.16 -39.45
CA LYS F 112 21.43 -47.33 -38.59
C LYS F 112 22.10 -48.49 -39.31
N ALA F 113 22.92 -49.24 -38.58
CA ALA F 113 23.62 -50.40 -39.13
C ALA F 113 23.51 -51.57 -38.16
N ALA F 114 23.65 -52.81 -38.71
CA ALA F 114 23.51 -54.06 -37.97
C ALA F 114 24.82 -54.48 -37.33
N PRO F 115 24.76 -55.11 -36.16
CA PRO F 115 25.99 -55.52 -35.47
C PRO F 115 26.60 -56.77 -36.09
N SER F 116 27.88 -56.69 -36.44
CA SER F 116 28.62 -57.86 -36.88
C SER F 116 29.39 -58.41 -35.68
N VAL F 117 29.09 -59.64 -35.30
CA VAL F 117 29.62 -60.19 -34.06
C VAL F 117 30.49 -61.40 -34.37
N THR F 118 31.62 -61.47 -33.69
CA THR F 118 32.63 -62.50 -33.91
C THR F 118 32.99 -63.10 -32.55
N LEU F 119 32.88 -64.42 -32.42
CA LEU F 119 32.98 -65.07 -31.12
C LEU F 119 34.10 -66.10 -31.13
N PHE F 120 35.01 -65.98 -30.13
CA PHE F 120 36.16 -66.84 -29.86
C PHE F 120 35.92 -67.71 -28.64
N PRO F 121 36.23 -68.99 -28.73
CA PRO F 121 36.30 -69.85 -27.55
C PRO F 121 37.59 -69.59 -26.79
N PRO F 122 37.90 -70.37 -25.76
CA PRO F 122 39.23 -70.26 -25.15
C PRO F 122 40.30 -70.68 -26.15
N SER F 123 41.54 -70.48 -25.75
CA SER F 123 42.69 -70.96 -26.50
C SER F 123 43.36 -72.08 -25.73
N SER F 124 44.04 -72.96 -26.46
CA SER F 124 44.73 -74.09 -25.84
C SER F 124 45.69 -73.63 -24.75
N GLU F 125 46.25 -72.43 -24.91
CA GLU F 125 47.11 -71.88 -23.88
C GLU F 125 46.32 -71.63 -22.60
N GLU F 126 45.30 -70.78 -22.68
CA GLU F 126 44.53 -70.42 -21.48
C GLU F 126 43.95 -71.66 -20.81
N LEU F 127 43.58 -72.67 -21.61
CA LEU F 127 43.12 -73.93 -21.04
C LEU F 127 44.24 -74.67 -20.35
N GLN F 128 45.44 -74.65 -20.93
CA GLN F 128 46.62 -75.15 -20.22
C GLN F 128 46.85 -74.35 -18.94
N ALA F 129 46.56 -73.06 -18.97
CA ALA F 129 46.72 -72.19 -17.81
C ALA F 129 45.63 -72.38 -16.77
N ASN F 130 44.67 -73.28 -17.01
CA ASN F 130 43.56 -73.62 -16.12
C ASN F 130 42.47 -72.54 -16.14
N LYS F 131 42.53 -71.59 -17.07
CA LYS F 131 41.53 -70.55 -17.21
C LYS F 131 40.73 -70.79 -18.49
N ALA F 132 39.59 -70.10 -18.59
CA ALA F 132 38.74 -70.22 -19.78
C ALA F 132 37.95 -68.93 -19.95
N THR F 133 38.21 -68.22 -21.04
CA THR F 133 37.56 -66.95 -21.32
C THR F 133 37.05 -66.95 -22.76
N LEU F 134 35.73 -66.84 -22.91
CA LEU F 134 35.09 -66.65 -24.21
C LEU F 134 35.03 -65.17 -24.53
N VAL F 135 35.35 -64.82 -25.77
CA VAL F 135 35.44 -63.42 -26.19
C VAL F 135 34.43 -63.17 -27.30
N CYS F 136 33.61 -62.13 -27.15
CA CYS F 136 32.58 -61.80 -28.13
C CYS F 136 32.77 -60.35 -28.54
N LEU F 137 33.11 -60.13 -29.80
CA LEU F 137 33.47 -58.81 -30.32
C LEU F 137 32.40 -58.34 -31.29
N ILE F 138 31.78 -57.19 -30.98
CA ILE F 138 30.65 -56.65 -31.73
C ILE F 138 31.13 -55.37 -32.39
N SER F 139 31.06 -55.31 -33.72
CA SER F 139 31.64 -54.21 -34.47
C SER F 139 30.63 -53.69 -35.50
N ASP F 140 30.85 -52.44 -35.92
CA ASP F 140 30.27 -51.94 -37.17
C ASP F 140 28.76 -51.76 -37.07
N PHE F 141 28.30 -51.19 -35.95
CA PHE F 141 26.87 -51.01 -35.74
C PHE F 141 26.57 -49.56 -35.41
N TYR F 142 25.28 -49.22 -35.44
CA TYR F 142 24.80 -47.89 -35.10
C TYR F 142 23.32 -48.02 -34.79
N PRO F 143 22.83 -47.40 -33.71
CA PRO F 143 23.58 -46.57 -32.77
C PRO F 143 24.39 -47.38 -31.75
N GLY F 144 25.17 -46.68 -30.93
CA GLY F 144 26.00 -47.34 -29.94
C GLY F 144 25.23 -47.79 -28.71
N ALA F 145 24.53 -48.91 -28.84
CA ALA F 145 23.76 -49.48 -27.74
C ALA F 145 23.43 -50.91 -28.09
N VAL F 146 23.74 -51.85 -27.19
CA VAL F 146 23.59 -53.26 -27.48
C VAL F 146 23.28 -54.02 -26.20
N THR F 147 22.65 -55.18 -26.36
CA THR F 147 22.38 -56.10 -25.25
C THR F 147 23.04 -57.44 -25.53
N VAL F 148 23.86 -57.91 -24.59
CA VAL F 148 24.58 -59.17 -24.74
C VAL F 148 24.10 -60.16 -23.68
N ALA F 149 23.92 -61.41 -24.09
CA ALA F 149 23.54 -62.49 -23.19
C ALA F 149 24.25 -63.76 -23.61
N TRP F 150 24.68 -64.55 -22.63
CA TRP F 150 25.43 -65.77 -22.88
C TRP F 150 24.57 -66.99 -22.54
N LYS F 151 24.60 -67.98 -23.41
CA LYS F 151 23.78 -69.17 -23.28
C LYS F 151 24.66 -70.42 -23.24
N ALA F 152 24.40 -71.29 -22.27
CA ALA F 152 25.09 -72.58 -22.14
C ALA F 152 24.07 -73.67 -22.47
N ASP F 153 24.17 -74.22 -23.68
CA ASP F 153 23.14 -75.10 -24.24
C ASP F 153 21.78 -74.40 -24.29
N SER F 154 21.80 -73.10 -24.58
CA SER F 154 20.59 -72.26 -24.66
C SER F 154 19.91 -72.11 -23.29
N SER F 155 20.72 -71.95 -22.25
CA SER F 155 20.27 -71.65 -20.89
C SER F 155 20.91 -70.35 -20.42
N PRO F 156 20.30 -69.64 -19.47
CA PRO F 156 20.85 -68.36 -19.03
C PRO F 156 22.13 -68.55 -18.23
N VAL F 157 23.15 -67.78 -18.57
CA VAL F 157 24.41 -67.73 -17.82
C VAL F 157 24.60 -66.28 -17.39
N LYS F 158 24.06 -65.93 -16.23
CA LYS F 158 24.08 -64.57 -15.72
C LYS F 158 25.30 -64.25 -14.87
N ALA F 159 26.23 -65.19 -14.72
CA ALA F 159 27.42 -65.00 -13.89
C ALA F 159 28.67 -65.26 -14.72
N GLY F 160 29.74 -64.54 -14.41
CA GLY F 160 30.96 -64.61 -15.18
C GLY F 160 30.99 -63.74 -16.40
N VAL F 161 30.08 -62.76 -16.51
CA VAL F 161 29.96 -61.91 -17.69
C VAL F 161 30.51 -60.54 -17.37
N GLU F 162 31.23 -59.95 -18.33
CA GLU F 162 31.64 -58.56 -18.22
C GLU F 162 31.66 -57.93 -19.61
N THR F 163 30.98 -56.80 -19.77
CA THR F 163 30.73 -56.21 -21.09
C THR F 163 31.19 -54.76 -21.12
N THR F 164 31.90 -54.37 -22.17
CA THR F 164 32.44 -53.03 -22.30
C THR F 164 31.38 -52.08 -22.89
N THR F 165 31.70 -50.79 -22.86
CA THR F 165 30.84 -49.73 -23.40
C THR F 165 31.26 -49.41 -24.83
N PRO F 166 30.31 -49.22 -25.74
CA PRO F 166 30.69 -49.01 -27.15
C PRO F 166 31.52 -47.74 -27.33
N SER F 167 32.59 -47.86 -28.11
CA SER F 167 33.48 -46.76 -28.41
C SER F 167 33.55 -46.55 -29.92
N LYS F 168 33.69 -45.29 -30.31
CA LYS F 168 33.74 -44.94 -31.73
C LYS F 168 34.94 -45.61 -32.40
N GLN F 169 34.69 -46.38 -33.46
CA GLN F 169 35.78 -46.96 -34.26
C GLN F 169 36.45 -45.88 -35.10
N SER F 170 36.85 -46.23 -36.32
CA SER F 170 37.40 -45.26 -37.25
C SER F 170 36.39 -44.77 -38.28
N ASN F 171 35.45 -45.64 -38.67
CA ASN F 171 34.41 -45.31 -39.63
C ASN F 171 33.20 -44.64 -38.97
N ASN F 172 33.38 -44.07 -37.78
CA ASN F 172 32.34 -43.44 -36.97
C ASN F 172 31.22 -44.39 -36.56
N LYS F 173 31.38 -45.68 -36.80
CA LYS F 173 30.52 -46.68 -36.17
C LYS F 173 31.16 -47.15 -34.87
N TYR F 174 30.34 -47.74 -34.01
CA TYR F 174 30.81 -48.13 -32.69
C TYR F 174 31.20 -49.62 -32.68
N ALA F 175 31.67 -50.07 -31.51
CA ALA F 175 32.16 -51.42 -31.27
C ALA F 175 32.31 -51.66 -29.78
N ALA F 176 31.95 -52.86 -29.33
CA ALA F 176 32.03 -53.25 -27.93
C ALA F 176 32.45 -54.71 -27.83
N SER F 177 32.67 -55.18 -26.60
CA SER F 177 33.17 -56.53 -26.39
C SER F 177 32.60 -57.09 -25.09
N SER F 178 32.51 -58.42 -25.03
CA SER F 178 31.96 -59.13 -23.88
C SER F 178 32.78 -60.38 -23.59
N TYR F 179 33.13 -60.56 -22.31
CA TYR F 179 33.99 -61.64 -21.87
C TYR F 179 33.19 -62.54 -20.92
N LEU F 180 33.11 -63.83 -21.24
CA LEU F 180 32.44 -64.81 -20.40
C LEU F 180 33.50 -65.73 -19.78
N SER F 181 33.50 -65.82 -18.46
CA SER F 181 34.53 -66.54 -17.72
C SER F 181 33.96 -67.83 -17.17
N LEU F 182 34.63 -68.95 -17.45
CA LEU F 182 34.19 -70.26 -16.99
C LEU F 182 35.40 -71.05 -16.52
N THR F 183 35.12 -72.07 -15.71
CA THR F 183 36.16 -73.07 -15.48
C THR F 183 36.23 -74.00 -16.69
N PRO F 184 37.40 -74.51 -17.03
CA PRO F 184 37.50 -75.41 -18.18
C PRO F 184 36.63 -76.66 -18.05
N GLU F 185 36.37 -77.10 -16.83
CA GLU F 185 35.45 -78.22 -16.62
C GLU F 185 34.04 -77.88 -17.07
N GLN F 186 33.58 -76.66 -16.77
CA GLN F 186 32.31 -76.20 -17.29
C GLN F 186 32.32 -76.13 -18.82
N TRP F 187 33.42 -75.64 -19.39
CA TRP F 187 33.47 -75.42 -20.83
C TRP F 187 33.50 -76.73 -21.61
N LYS F 188 34.11 -77.77 -21.05
CA LYS F 188 34.17 -79.03 -21.78
C LYS F 188 32.94 -79.89 -21.56
N SER F 189 32.30 -79.79 -20.37
CA SER F 189 31.12 -80.57 -20.07
C SER F 189 29.82 -79.88 -20.50
N HIS F 190 29.90 -79.00 -21.50
CA HIS F 190 28.73 -78.48 -22.20
C HIS F 190 28.93 -78.71 -23.69
N ARG F 191 27.82 -78.79 -24.42
CA ARG F 191 27.91 -78.99 -25.86
C ARG F 191 28.04 -77.69 -26.64
N SER F 192 27.53 -76.59 -26.11
CA SER F 192 27.55 -75.33 -26.85
C SER F 192 27.57 -74.15 -25.90
N TYR F 193 28.17 -73.05 -26.37
CA TYR F 193 28.13 -71.77 -25.68
C TYR F 193 27.92 -70.68 -26.73
N SER F 194 26.97 -69.79 -26.47
CA SER F 194 26.50 -68.86 -27.48
C SER F 194 26.49 -67.44 -26.95
N CYS F 195 27.06 -66.52 -27.73
CA CYS F 195 26.95 -65.09 -27.46
C CYS F 195 25.80 -64.51 -28.27
N GLN F 196 24.95 -63.72 -27.61
CA GLN F 196 23.67 -63.28 -28.16
C GLN F 196 23.61 -61.77 -28.08
N VAL F 197 23.62 -61.11 -29.23
CA VAL F 197 23.60 -59.66 -29.33
C VAL F 197 22.23 -59.22 -29.84
N THR F 198 21.62 -58.28 -29.13
CA THR F 198 20.35 -57.68 -29.49
C THR F 198 20.61 -56.20 -29.72
N HIS F 199 20.47 -55.78 -30.98
CA HIS F 199 20.65 -54.39 -31.39
C HIS F 199 19.40 -53.95 -32.13
N GLU F 200 18.67 -52.98 -31.57
CA GLU F 200 17.40 -52.51 -32.11
C GLU F 200 16.49 -53.69 -32.46
N GLY F 201 16.33 -54.59 -31.49
CA GLY F 201 15.51 -55.77 -31.67
C GLY F 201 16.23 -56.93 -32.33
N SER F 202 17.13 -56.63 -33.27
CA SER F 202 17.76 -57.68 -34.07
C SER F 202 18.61 -58.57 -33.18
N THR F 203 18.30 -59.86 -33.17
CA THR F 203 19.00 -60.84 -32.35
C THR F 203 19.97 -61.61 -33.24
N VAL F 204 21.16 -61.04 -33.40
CA VAL F 204 22.26 -61.81 -33.96
C VAL F 204 22.77 -62.71 -32.85
N GLU F 205 23.08 -63.96 -33.18
CA GLU F 205 23.54 -64.87 -32.14
C GLU F 205 24.55 -65.82 -32.75
N LYS F 206 25.78 -65.76 -32.27
CA LYS F 206 26.81 -66.67 -32.75
C LYS F 206 27.19 -67.65 -31.65
N THR F 207 27.72 -68.79 -32.07
CA THR F 207 27.86 -69.92 -31.19
C THR F 207 29.20 -70.61 -31.44
N VAL F 208 29.86 -71.00 -30.35
CA VAL F 208 31.05 -71.81 -30.43
C VAL F 208 30.90 -72.97 -29.45
N ALA F 209 31.80 -73.95 -29.57
CA ALA F 209 31.72 -75.14 -28.75
C ALA F 209 33.11 -75.73 -28.47
#